data_8K9W
#
_entry.id   8K9W
#
_cell.length_a   71.916
_cell.length_b   95.551
_cell.length_c   168.253
_cell.angle_alpha   90.00
_cell.angle_beta   90.00
_cell.angle_gamma   90.00
#
_symmetry.space_group_name_H-M   'P 21 21 21'
#
loop_
_entity.id
_entity.type
_entity.pdbx_description
1 polymer 'Lysine--tRNA ligase'
2 non-polymer ~{N}2-(2-methoxyphenyl)-~{N}4-(2-propan-2-ylsulfonylphenyl)-1,3,5-triazine-2,4-diamine
3 non-polymer '2-(N-MORPHOLINO)-ETHANESULFONIC ACID'
4 water water
#
_entity_poly.entity_id   1
_entity_poly.type   'polypeptide(L)'
_entity_poly.pdbx_seq_one_letter_code
;MEVDPRLYFENRSKFIQDQKDKGINPYPHKFERTISIPEFIEKYKDLGNGEHLEDTILNITGRIMRVSASGQKLRFFDLV
GDGEKIQVLANYSFHNHEKGNFAECYDKIRRGDIVGIVGFPGKSKKGELSIFPKETILLSACLHMLPMKYGLKDTEIRYR
QRYLDLLINESSRHTFVTRTKIINFLRNFLNERGFFEVETPMMNLIAGGANARPFITHHNDLDLDLYLRIATELPLKMLI
VGGIDKVYEIGKVFRNEGIDNTHNPEFTSCEFYWAYADYNDLIKWSEDFFSQLVYHLFGTYKISYNKDGPENQPIEIDFT
PPYPKVSIVEEIEKVTNTILEQPFDSNETIEKMINIIKEHKIELPNPPTAAKLLDQLASHFIENKYNDKPFFIVEHPQIM
SPLAKYHRTKPGLTERLEMFICGKEVLNAYTELNDPFKQKECFKLQQKDREKGDTEAAQLDSAFCTSLEYGLPPTGGLGL
GIDRITMFLTNKNSIKDVILFPTMRPANGGHHHHHH
;
_entity_poly.pdbx_strand_id   A,B
#
# COMPACT_ATOMS: atom_id res chain seq x y z
N VAL A 3 33.90 -21.06 -23.60
CA VAL A 3 33.57 -19.74 -23.07
C VAL A 3 33.05 -19.87 -21.65
N ASP A 4 33.92 -20.29 -20.74
CA ASP A 4 33.52 -20.50 -19.35
C ASP A 4 32.98 -19.19 -18.78
N PRO A 5 31.75 -19.16 -18.28
CA PRO A 5 31.23 -17.92 -17.69
C PRO A 5 32.06 -17.47 -16.50
N ARG A 6 32.67 -18.41 -15.78
CA ARG A 6 33.58 -18.02 -14.70
C ARG A 6 34.78 -17.25 -15.25
N LEU A 7 35.23 -17.59 -16.45
CA LEU A 7 36.40 -16.93 -17.03
C LEU A 7 36.06 -15.54 -17.54
N TYR A 8 34.93 -15.40 -18.25
CA TYR A 8 34.50 -14.07 -18.69
C TYR A 8 34.41 -13.13 -17.49
N PHE A 9 33.82 -13.61 -16.40
CA PHE A 9 33.78 -12.84 -15.17
C PHE A 9 35.18 -12.51 -14.66
N GLU A 10 36.06 -13.52 -14.62
CA GLU A 10 37.41 -13.32 -14.10
C GLU A 10 38.23 -12.39 -14.98
N ASN A 11 38.06 -12.49 -16.31
CA ASN A 11 38.75 -11.57 -17.21
C ASN A 11 38.26 -10.13 -17.01
N ARG A 12 36.94 -9.94 -16.85
CA ARG A 12 36.41 -8.59 -16.70
C ARG A 12 36.75 -8.01 -15.33
N SER A 13 36.73 -8.83 -14.28
CA SER A 13 37.16 -8.35 -12.97
C SER A 13 38.65 -8.00 -12.98
N LYS A 14 39.46 -8.76 -13.71
CA LYS A 14 40.85 -8.36 -13.91
C LYS A 14 40.93 -7.07 -14.73
N PHE A 15 40.01 -6.90 -15.68
CA PHE A 15 39.97 -5.66 -16.45
C PHE A 15 39.68 -4.46 -15.55
N ILE A 16 38.73 -4.62 -14.62
CA ILE A 16 38.41 -3.54 -13.69
C ILE A 16 39.64 -3.14 -12.90
N GLN A 17 40.32 -4.11 -12.29
CA GLN A 17 41.51 -3.81 -11.51
C GLN A 17 42.59 -3.23 -12.41
N ASP A 18 42.58 -3.60 -13.69
CA ASP A 18 43.50 -3.00 -14.64
C ASP A 18 43.16 -1.54 -14.92
N GLN A 19 41.86 -1.19 -14.95
CA GLN A 19 41.49 0.22 -15.10
C GLN A 19 41.96 1.03 -13.91
N LYS A 20 41.67 0.55 -12.69
CA LYS A 20 42.08 1.28 -11.50
C LYS A 20 43.59 1.46 -11.46
N ASP A 21 44.35 0.39 -11.75
CA ASP A 21 45.81 0.50 -11.77
C ASP A 21 46.32 1.38 -12.91
N LYS A 22 45.42 1.98 -13.69
CA LYS A 22 45.78 2.84 -14.81
C LYS A 22 45.38 4.30 -14.55
N GLY A 23 44.87 4.62 -13.37
CA GLY A 23 44.40 5.95 -13.04
C GLY A 23 42.98 6.25 -13.48
N ILE A 24 42.27 5.28 -14.03
CA ILE A 24 40.90 5.45 -14.51
C ILE A 24 39.96 4.78 -13.54
N ASN A 25 39.01 5.54 -12.97
CA ASN A 25 38.00 4.97 -12.09
C ASN A 25 36.84 4.46 -12.93
N PRO A 26 36.60 3.14 -12.97
CA PRO A 26 35.46 2.62 -13.75
C PRO A 26 34.12 2.71 -13.03
N TYR A 27 34.10 3.16 -11.77
CA TYR A 27 32.85 3.45 -11.05
C TYR A 27 32.94 4.87 -10.49
N PRO A 28 32.83 5.88 -11.33
CA PRO A 28 33.01 7.26 -10.85
C PRO A 28 31.90 7.69 -9.88
N HIS A 29 32.20 8.78 -9.17
CA HIS A 29 31.36 9.24 -8.08
C HIS A 29 29.96 9.65 -8.56
N LYS A 30 29.89 10.36 -9.69
CA LYS A 30 28.64 10.91 -10.19
C LYS A 30 28.78 11.26 -11.67
N PHE A 31 27.65 11.36 -12.35
CA PHE A 31 27.58 11.88 -13.71
C PHE A 31 26.42 12.86 -13.80
N GLU A 32 26.66 14.02 -14.42
CA GLU A 32 25.68 15.11 -14.47
C GLU A 32 24.75 14.94 -15.68
N ARG A 33 23.93 13.90 -15.61
CA ARG A 33 22.96 13.67 -16.66
C ARG A 33 22.03 14.88 -16.77
N THR A 34 21.71 15.28 -17.99
CA THR A 34 20.83 16.41 -18.22
C THR A 34 19.54 16.04 -18.95
N ILE A 35 19.45 14.83 -19.49
CA ILE A 35 18.24 14.41 -20.21
C ILE A 35 18.19 12.88 -20.19
N SER A 36 16.98 12.34 -20.04
CA SER A 36 16.81 10.90 -20.07
C SER A 36 16.56 10.44 -21.50
N ILE A 37 16.71 9.14 -21.72
CA ILE A 37 16.50 8.61 -23.06
C ILE A 37 15.07 8.84 -23.55
N PRO A 38 14.01 8.54 -22.78
CA PRO A 38 12.65 8.83 -23.29
C PRO A 38 12.42 10.30 -23.62
N GLU A 39 12.96 11.22 -22.82
CA GLU A 39 12.88 12.63 -23.20
C GLU A 39 13.62 12.90 -24.51
N PHE A 40 14.81 12.31 -24.66
CA PHE A 40 15.57 12.46 -25.89
C PHE A 40 14.79 11.94 -27.09
N ILE A 41 14.18 10.76 -26.94
CA ILE A 41 13.41 10.18 -28.04
C ILE A 41 12.25 11.08 -28.41
N GLU A 42 11.67 11.78 -27.43
CA GLU A 42 10.52 12.62 -27.69
C GLU A 42 10.91 13.99 -28.22
N LYS A 43 11.95 14.60 -27.70
CA LYS A 43 12.28 15.96 -28.13
C LYS A 43 12.89 16.01 -29.53
N TYR A 44 13.49 14.93 -29.95
CA TYR A 44 14.17 14.93 -31.25
C TYR A 44 13.60 13.91 -32.23
N LYS A 45 12.40 13.38 -31.94
CA LYS A 45 11.81 12.37 -32.83
C LYS A 45 11.58 12.92 -34.21
N ASP A 46 11.13 14.17 -34.28
CA ASP A 46 10.82 14.79 -35.56
C ASP A 46 12.02 15.51 -36.13
N LEU A 47 13.09 14.77 -36.38
CA LEU A 47 14.28 15.34 -36.94
C LEU A 47 14.52 14.64 -38.26
N GLY A 48 15.04 15.35 -39.25
CA GLY A 48 15.26 14.81 -40.57
C GLY A 48 16.42 13.82 -40.61
N ASN A 49 16.39 12.96 -41.62
CA ASN A 49 17.45 11.97 -41.81
C ASN A 49 18.78 12.65 -42.07
N GLY A 50 19.84 12.11 -41.47
CA GLY A 50 21.14 12.73 -41.55
C GLY A 50 21.26 14.07 -40.87
N GLU A 51 20.17 14.58 -40.31
CA GLU A 51 20.22 15.84 -39.62
C GLU A 51 20.92 15.76 -38.27
N HIS A 52 21.83 16.69 -38.01
CA HIS A 52 22.51 16.76 -36.73
C HIS A 52 22.22 18.11 -36.10
N LEU A 53 22.31 18.18 -34.78
CA LEU A 53 22.29 19.46 -34.05
C LEU A 53 23.59 19.53 -33.28
N GLU A 54 24.66 19.94 -33.97
CA GLU A 54 26.01 19.81 -33.43
C GLU A 54 26.29 20.82 -32.34
N ASP A 55 25.50 21.89 -32.25
CA ASP A 55 25.71 22.94 -31.26
C ASP A 55 24.99 22.68 -29.94
N THR A 56 24.19 21.62 -29.86
CA THR A 56 23.49 21.24 -28.63
C THR A 56 24.27 20.14 -27.92
N ILE A 57 24.69 20.40 -26.68
CA ILE A 57 25.43 19.43 -25.90
C ILE A 57 24.49 18.82 -24.88
N LEU A 58 24.49 17.50 -24.80
CA LEU A 58 23.65 16.76 -23.89
C LEU A 58 24.52 15.79 -23.10
N ASN A 59 24.10 15.50 -21.87
CA ASN A 59 24.73 14.48 -21.04
C ASN A 59 23.69 13.40 -20.80
N ILE A 60 23.88 12.26 -21.43
CA ILE A 60 22.88 11.19 -21.40
C ILE A 60 23.54 9.95 -20.81
N THR A 61 22.71 9.10 -20.18
CA THR A 61 23.18 7.85 -19.60
C THR A 61 22.35 6.69 -20.16
N GLY A 62 22.86 5.48 -19.92
CA GLY A 62 22.17 4.29 -20.35
C GLY A 62 23.10 3.11 -20.34
N ARG A 63 22.56 1.96 -20.74
CA ARG A 63 23.27 0.70 -20.73
C ARG A 63 23.49 0.26 -22.17
N ILE A 64 24.73 -0.05 -22.52
CA ILE A 64 25.04 -0.57 -23.85
C ILE A 64 24.50 -1.99 -23.95
N MET A 65 23.65 -2.25 -24.94
CA MET A 65 23.10 -3.58 -25.12
C MET A 65 23.54 -4.25 -26.41
N ARG A 66 24.26 -3.53 -27.27
CA ARG A 66 24.78 -4.11 -28.50
C ARG A 66 26.03 -3.32 -28.91
N VAL A 67 27.05 -4.04 -29.35
CA VAL A 67 28.34 -3.45 -29.71
C VAL A 67 28.71 -3.91 -31.12
N SER A 68 29.00 -2.96 -32.00
CA SER A 68 29.39 -3.30 -33.36
C SER A 68 30.50 -2.38 -33.88
N GLN A 72 36.66 0.65 -37.38
CA GLN A 72 37.79 0.97 -36.50
C GLN A 72 37.73 2.41 -36.00
N LYS A 73 37.31 3.34 -36.86
CA LYS A 73 37.19 4.74 -36.45
C LYS A 73 35.73 5.17 -36.39
N LEU A 74 34.83 4.22 -36.62
CA LEU A 74 33.39 4.48 -36.52
C LEU A 74 32.76 3.36 -35.72
N ARG A 75 32.26 3.67 -34.52
CA ARG A 75 31.69 2.67 -33.63
C ARG A 75 30.20 2.91 -33.44
N PHE A 76 29.44 1.81 -33.40
CA PHE A 76 27.97 1.83 -33.31
C PHE A 76 27.55 1.05 -32.07
N PHE A 77 26.63 1.63 -31.29
CA PHE A 77 26.12 1.02 -30.07
C PHE A 77 24.62 1.23 -29.94
N ASP A 78 23.96 0.27 -29.30
CA ASP A 78 22.59 0.43 -28.84
C ASP A 78 22.58 0.77 -27.35
N LEU A 79 21.83 1.80 -26.97
CA LEU A 79 21.80 2.31 -25.61
C LEU A 79 20.36 2.31 -25.12
N VAL A 80 20.11 1.62 -24.01
CA VAL A 80 18.74 1.49 -23.51
C VAL A 80 18.65 2.16 -22.14
N GLY A 81 17.46 2.69 -21.86
CA GLY A 81 17.19 3.40 -20.63
C GLY A 81 15.70 3.62 -20.46
N ASP A 82 15.20 3.31 -19.26
CA ASP A 82 13.78 3.44 -18.95
C ASP A 82 12.94 2.72 -20.01
N GLY A 83 13.44 1.58 -20.46
CA GLY A 83 12.73 0.74 -21.41
C GLY A 83 12.76 1.20 -22.85
N GLU A 84 13.46 2.29 -23.17
CA GLU A 84 13.53 2.78 -24.54
C GLU A 84 14.99 2.85 -25.00
N LYS A 85 15.18 2.85 -26.31
CA LYS A 85 16.49 2.66 -26.92
C LYS A 85 16.78 3.73 -27.95
N ILE A 86 18.03 4.20 -27.98
CA ILE A 86 18.56 5.00 -29.08
C ILE A 86 19.89 4.38 -29.50
N GLN A 87 20.43 4.92 -30.58
CA GLN A 87 21.69 4.43 -31.05
C GLN A 87 22.82 5.39 -30.73
N VAL A 88 23.99 4.83 -30.56
CA VAL A 88 25.19 5.61 -30.28
C VAL A 88 26.10 5.50 -31.50
N LEU A 89 26.46 6.64 -32.08
CA LEU A 89 27.30 6.71 -33.27
C LEU A 89 28.60 7.43 -32.91
N ALA A 90 29.66 6.67 -32.66
CA ALA A 90 30.95 7.22 -32.26
C ALA A 90 31.82 7.41 -33.50
N ASN A 91 32.00 8.66 -33.89
CA ASN A 91 32.78 9.02 -35.07
C ASN A 91 34.10 9.64 -34.62
N TYR A 92 35.20 9.17 -35.22
CA TYR A 92 36.53 9.63 -34.84
C TYR A 92 36.62 11.15 -34.89
N SER A 93 35.94 11.76 -35.85
CA SER A 93 36.03 13.19 -36.04
C SER A 93 35.36 14.00 -34.92
N PHE A 94 34.39 13.42 -34.21
CA PHE A 94 33.68 14.16 -33.17
C PHE A 94 34.22 13.86 -31.79
N HIS A 95 35.11 12.89 -31.65
CA HIS A 95 35.69 12.55 -30.37
C HIS A 95 36.62 13.66 -29.91
N ASN A 96 36.61 13.95 -28.61
CA ASN A 96 37.58 14.86 -28.03
C ASN A 96 38.86 14.08 -27.77
N HIS A 97 39.83 14.18 -28.67
CA HIS A 97 41.04 13.37 -28.53
C HIS A 97 41.92 13.83 -27.37
N GLU A 98 41.69 15.02 -26.82
CA GLU A 98 42.48 15.48 -25.67
C GLU A 98 42.11 14.76 -24.39
N LYS A 99 40.95 14.09 -24.35
CA LYS A 99 40.57 13.30 -23.18
C LYS A 99 41.08 11.86 -23.26
N GLY A 100 41.30 11.34 -24.45
CA GLY A 100 41.88 10.01 -24.58
C GLY A 100 41.87 9.54 -26.01
N ASN A 101 42.56 8.41 -26.21
CA ASN A 101 42.57 7.76 -27.52
C ASN A 101 41.17 7.22 -27.84
N PHE A 102 40.71 7.53 -29.06
CA PHE A 102 39.39 7.09 -29.50
C PHE A 102 39.25 5.58 -29.42
N ALA A 103 40.20 4.85 -30.03
CA ALA A 103 40.13 3.39 -30.04
C ALA A 103 40.22 2.82 -28.63
N GLU A 104 41.11 3.37 -27.80
CA GLU A 104 41.27 2.89 -26.43
C GLU A 104 39.96 3.04 -25.65
N CYS A 105 39.23 4.12 -25.90
CA CYS A 105 37.99 4.38 -25.18
C CYS A 105 36.91 3.38 -25.55
N TYR A 106 36.72 3.12 -26.84
CA TYR A 106 35.55 2.36 -27.28
C TYR A 106 35.76 0.85 -27.36
N ASP A 107 37.01 0.40 -27.42
CA ASP A 107 37.31 -1.03 -27.42
C ASP A 107 37.07 -1.68 -26.06
N LYS A 108 37.05 -0.91 -24.98
CA LYS A 108 36.77 -1.45 -23.66
C LYS A 108 35.27 -1.66 -23.42
N ILE A 109 34.41 -1.04 -24.21
CA ILE A 109 32.98 -1.12 -23.98
C ILE A 109 32.48 -2.51 -24.33
N ARG A 110 31.65 -3.08 -23.47
CA ARG A 110 31.04 -4.38 -23.68
C ARG A 110 29.54 -4.29 -23.44
N ARG A 111 28.82 -5.27 -23.97
CA ARG A 111 27.40 -5.36 -23.72
C ARG A 111 27.12 -5.38 -22.23
N GLY A 112 26.12 -4.62 -21.82
CA GLY A 112 25.75 -4.51 -20.42
C GLY A 112 26.40 -3.37 -19.67
N ASP A 113 27.35 -2.66 -20.27
CA ASP A 113 28.03 -1.58 -19.58
C ASP A 113 27.10 -0.38 -19.44
N ILE A 114 27.08 0.23 -18.26
CA ILE A 114 26.43 1.52 -18.05
C ILE A 114 27.45 2.60 -18.37
N VAL A 115 27.08 3.52 -19.26
CA VAL A 115 27.98 4.57 -19.72
C VAL A 115 27.30 5.93 -19.59
N GLY A 116 28.13 6.95 -19.37
CA GLY A 116 27.71 8.34 -19.47
C GLY A 116 28.35 8.94 -20.72
N ILE A 117 27.53 9.66 -21.49
CA ILE A 117 27.93 10.18 -22.78
C ILE A 117 27.69 11.69 -22.81
N VAL A 118 28.66 12.43 -23.32
CA VAL A 118 28.49 13.83 -23.67
C VAL A 118 28.51 13.92 -25.19
N GLY A 119 27.48 14.50 -25.77
CA GLY A 119 27.39 14.55 -27.22
C GLY A 119 26.20 15.35 -27.68
N PHE A 120 25.96 15.28 -29.00
CA PHE A 120 24.88 16.00 -29.65
C PHE A 120 23.89 15.04 -30.30
N PRO A 121 22.63 15.43 -30.47
CA PRO A 121 21.63 14.55 -31.07
C PRO A 121 21.56 14.64 -32.59
N GLY A 122 21.08 13.56 -33.19
CA GLY A 122 20.88 13.51 -34.61
C GLY A 122 20.23 12.19 -35.01
N LYS A 123 19.91 12.10 -36.30
CA LYS A 123 19.43 10.87 -36.91
C LYS A 123 20.45 10.39 -37.93
N SER A 124 20.68 9.08 -37.94
CA SER A 124 21.54 8.48 -38.97
C SER A 124 20.96 8.77 -40.35
N LYS A 125 21.82 8.66 -41.37
CA LYS A 125 21.35 8.79 -42.74
C LYS A 125 20.29 7.73 -43.06
N LYS A 126 20.27 6.63 -42.32
CA LYS A 126 19.21 5.63 -42.39
C LYS A 126 18.00 5.99 -41.55
N GLY A 127 18.02 7.12 -40.84
CA GLY A 127 16.87 7.61 -40.11
C GLY A 127 16.90 7.35 -38.62
N GLU A 128 17.81 6.52 -38.13
CA GLU A 128 17.78 6.09 -36.74
C GLU A 128 18.19 7.23 -35.81
N LEU A 129 17.33 7.52 -34.85
CA LEU A 129 17.61 8.55 -33.85
C LEU A 129 18.78 8.13 -32.97
N SER A 130 19.76 9.01 -32.81
CA SER A 130 21.00 8.58 -32.20
C SER A 130 21.71 9.74 -31.50
N ILE A 131 22.60 9.38 -30.58
CA ILE A 131 23.49 10.33 -29.91
C ILE A 131 24.88 10.17 -30.51
N PHE A 132 25.52 11.31 -30.81
CA PHE A 132 26.87 11.33 -31.36
C PHE A 132 27.82 11.76 -30.24
N PRO A 133 28.58 10.84 -29.64
CA PRO A 133 29.47 11.25 -28.54
C PRO A 133 30.65 12.11 -29.01
N LYS A 134 31.07 12.99 -28.11
CA LYS A 134 32.44 13.49 -28.08
C LYS A 134 33.24 12.87 -26.95
N GLU A 135 32.57 12.28 -25.96
CA GLU A 135 33.23 11.64 -24.85
C GLU A 135 32.29 10.60 -24.26
N THR A 136 32.81 9.41 -24.01
CA THR A 136 32.06 8.32 -23.42
C THR A 136 32.83 7.78 -22.24
N ILE A 137 32.17 7.72 -21.08
CA ILE A 137 32.80 7.30 -19.84
C ILE A 137 32.02 6.12 -19.29
N LEU A 138 32.76 5.09 -18.85
CA LEU A 138 32.16 3.97 -18.15
C LEU A 138 31.68 4.41 -16.78
N LEU A 139 30.42 4.08 -16.44
CA LEU A 139 29.89 4.37 -15.11
C LEU A 139 29.78 3.14 -14.23
N SER A 140 29.51 1.98 -14.82
CA SER A 140 29.52 0.72 -14.07
C SER A 140 29.63 -0.43 -15.05
N ALA A 141 30.61 -1.29 -14.84
CA ALA A 141 30.81 -2.41 -15.75
C ALA A 141 29.85 -3.55 -15.44
N CYS A 142 29.45 -4.27 -16.49
CA CYS A 142 28.70 -5.52 -16.36
C CYS A 142 29.72 -6.65 -16.48
N LEU A 143 30.21 -7.12 -15.33
CA LEU A 143 31.31 -8.08 -15.33
C LEU A 143 30.90 -9.43 -15.93
N HIS A 144 29.62 -9.77 -15.89
CA HIS A 144 29.15 -11.04 -16.41
C HIS A 144 28.76 -10.91 -17.88
N MET A 145 28.64 -12.05 -18.53
CA MET A 145 28.12 -12.11 -19.91
C MET A 145 26.60 -12.09 -19.86
N LEU A 146 26.00 -11.05 -20.44
CA LEU A 146 24.55 -10.96 -20.50
C LEU A 146 24.01 -11.92 -21.55
N PRO A 147 23.14 -12.86 -21.19
CA PRO A 147 22.55 -13.74 -22.21
C PRO A 147 21.73 -12.94 -23.22
N MET A 148 21.75 -13.39 -24.47
CA MET A 148 20.76 -12.87 -25.41
C MET A 148 19.39 -13.46 -25.05
N LYS A 149 18.36 -12.90 -25.67
CA LYS A 149 16.96 -13.31 -25.41
C LYS A 149 16.77 -14.83 -25.33
N THR A 155 14.70 -20.01 -17.92
CA THR A 155 14.59 -20.92 -16.79
C THR A 155 13.90 -20.25 -15.59
N GLU A 156 14.25 -20.70 -14.39
CA GLU A 156 13.84 -20.03 -13.15
C GLU A 156 14.82 -18.95 -12.73
N ILE A 157 15.81 -18.64 -13.58
CA ILE A 157 16.64 -17.47 -13.38
C ILE A 157 15.83 -16.19 -13.49
N ARG A 158 14.83 -16.17 -14.38
CA ARG A 158 13.96 -15.01 -14.51
C ARG A 158 13.29 -14.67 -13.19
N TYR A 159 13.02 -15.68 -12.38
CA TYR A 159 12.32 -15.46 -11.11
C TYR A 159 13.29 -15.04 -10.00
N ARG A 160 14.44 -15.69 -9.89
CA ARG A 160 15.40 -15.33 -8.85
C ARG A 160 16.07 -14.00 -9.16
N GLN A 161 16.80 -13.94 -10.27
CA GLN A 161 17.43 -12.70 -10.72
C GLN A 161 16.50 -12.02 -11.72
N ARG A 162 15.43 -11.43 -11.18
CA ARG A 162 14.42 -10.77 -12.01
C ARG A 162 15.00 -9.59 -12.78
N TYR A 163 16.09 -8.98 -12.28
CA TYR A 163 16.72 -7.89 -13.02
C TYR A 163 17.24 -8.36 -14.37
N LEU A 164 17.71 -9.61 -14.46
CA LEU A 164 18.09 -10.17 -15.75
C LEU A 164 16.89 -10.29 -16.68
N ASP A 165 15.76 -10.76 -16.13
CA ASP A 165 14.54 -10.86 -16.92
C ASP A 165 14.13 -9.49 -17.45
N LEU A 166 14.19 -8.47 -16.60
CA LEU A 166 13.77 -7.13 -17.02
C LEU A 166 14.71 -6.53 -18.05
N LEU A 167 15.98 -6.94 -18.09
CA LEU A 167 16.91 -6.34 -19.04
C LEU A 167 16.82 -7.01 -20.42
N ILE A 168 16.56 -8.31 -20.46
CA ILE A 168 16.66 -9.07 -21.69
C ILE A 168 15.31 -9.31 -22.37
N ASN A 169 14.21 -9.28 -21.63
CA ASN A 169 12.88 -9.47 -22.19
C ASN A 169 12.08 -8.16 -22.10
N GLU A 170 11.65 -7.65 -23.25
CA GLU A 170 10.88 -6.42 -23.28
C GLU A 170 9.48 -6.61 -22.72
N SER A 171 8.88 -7.78 -22.94
CA SER A 171 7.52 -7.98 -22.46
C SER A 171 7.45 -8.04 -20.94
N SER A 172 8.55 -8.44 -20.29
CA SER A 172 8.56 -8.50 -18.83
C SER A 172 8.33 -7.13 -18.21
N ARG A 173 9.08 -6.13 -18.66
CA ARG A 173 8.86 -4.77 -18.19
C ARG A 173 7.43 -4.30 -18.47
N HIS A 174 6.91 -4.61 -19.66
CA HIS A 174 5.53 -4.25 -19.98
C HIS A 174 4.55 -4.94 -19.05
N THR A 175 4.79 -6.21 -18.71
CA THR A 175 3.91 -6.91 -17.78
C THR A 175 3.82 -6.17 -16.45
N PHE A 176 4.97 -5.77 -15.90
CA PHE A 176 4.94 -5.16 -14.59
C PHE A 176 4.53 -3.68 -14.62
N VAL A 177 4.73 -3.01 -15.77
CA VAL A 177 4.13 -1.69 -15.96
C VAL A 177 2.61 -1.79 -15.95
N THR A 178 2.06 -2.79 -16.63
CA THR A 178 0.61 -2.98 -16.60
C THR A 178 0.11 -3.27 -15.19
N ARG A 179 0.87 -4.03 -14.39
CA ARG A 179 0.44 -4.29 -13.02
C ARG A 179 0.29 -3.00 -12.24
N THR A 180 1.32 -2.14 -12.28
CA THR A 180 1.23 -0.85 -11.60
C THR A 180 0.09 -0.01 -12.18
N LYS A 181 -0.13 -0.07 -13.47
CA LYS A 181 -1.22 0.66 -14.06
C LYS A 181 -2.58 0.17 -13.60
N ILE A 182 -2.70 -1.14 -13.40
CA ILE A 182 -3.98 -1.68 -12.93
C ILE A 182 -4.28 -1.18 -11.52
N ILE A 183 -3.30 -1.28 -10.63
CA ILE A 183 -3.49 -0.86 -9.24
C ILE A 183 -3.80 0.62 -9.17
N ASN A 184 -3.10 1.43 -10.00
CA ASN A 184 -3.37 2.86 -10.07
C ASN A 184 -4.81 3.13 -10.48
N PHE A 185 -5.29 2.45 -11.51
CA PHE A 185 -6.65 2.67 -11.96
C PHE A 185 -7.63 2.35 -10.84
N LEU A 186 -7.40 1.26 -10.11
CA LEU A 186 -8.28 0.88 -9.02
C LEU A 186 -8.29 1.91 -7.90
N ARG A 187 -7.10 2.40 -7.50
CA ARG A 187 -7.05 3.42 -6.45
C ARG A 187 -7.80 4.68 -6.88
N ASN A 188 -7.55 5.15 -8.10
CA ASN A 188 -8.27 6.33 -8.58
C ASN A 188 -9.76 6.05 -8.74
N PHE A 189 -10.12 4.86 -9.24
CA PHE A 189 -11.53 4.51 -9.39
C PHE A 189 -12.27 4.56 -8.04
N LEU A 190 -11.64 4.04 -6.98
CA LEU A 190 -12.25 4.09 -5.66
C LEU A 190 -12.29 5.51 -5.10
N ASN A 191 -11.18 6.26 -5.26
CA ASN A 191 -11.11 7.59 -4.64
C ASN A 191 -12.11 8.55 -5.26
N GLU A 192 -12.33 8.45 -6.57
CA GLU A 192 -13.32 9.32 -7.22
C GLU A 192 -14.74 9.04 -6.77
N ARG A 193 -15.00 7.87 -6.19
CA ARG A 193 -16.31 7.58 -5.66
C ARG A 193 -16.43 7.88 -4.17
N GLY A 194 -15.43 8.55 -3.59
CA GLY A 194 -15.49 8.93 -2.19
C GLY A 194 -14.93 7.92 -1.22
N PHE A 195 -14.27 6.87 -1.71
CA PHE A 195 -13.70 5.89 -0.79
C PHE A 195 -12.42 6.42 -0.16
N PHE A 196 -12.16 5.96 1.07
CA PHE A 196 -11.08 6.46 1.91
C PHE A 196 -10.12 5.31 2.20
N GLU A 197 -8.86 5.45 1.80
CA GLU A 197 -7.87 4.39 1.96
C GLU A 197 -7.30 4.38 3.37
N VAL A 198 -7.16 3.18 3.96
CA VAL A 198 -6.63 3.03 5.30
C VAL A 198 -5.64 1.87 5.35
N GLU A 199 -5.00 1.71 6.49
CA GLU A 199 -4.10 0.60 6.76
C GLU A 199 -4.55 -0.08 8.05
N THR A 200 -4.58 -1.40 8.04
CA THR A 200 -4.98 -2.21 9.18
C THR A 200 -3.87 -3.21 9.46
N PRO A 201 -3.80 -3.77 10.68
CA PRO A 201 -2.59 -4.51 11.06
C PRO A 201 -2.34 -5.71 10.16
N MET A 202 -1.05 -6.00 9.95
CA MET A 202 -0.68 -7.23 9.28
C MET A 202 -0.67 -8.43 10.21
N MET A 203 -0.74 -8.20 11.52
CA MET A 203 -0.66 -9.24 12.53
C MET A 203 -1.83 -9.10 13.49
N ASN A 204 -2.37 -10.23 13.94
CA ASN A 204 -3.46 -10.17 14.90
C ASN A 204 -3.48 -11.45 15.74
N LEU A 205 -4.21 -11.37 16.85
CA LEU A 205 -4.30 -12.46 17.82
C LEU A 205 -5.22 -13.59 17.38
N ILE A 206 -6.09 -13.36 16.40
CA ILE A 206 -7.05 -14.39 16.02
C ILE A 206 -7.11 -14.58 14.52
N ALA A 207 -6.42 -15.61 14.02
CA ALA A 207 -6.45 -15.93 12.60
C ALA A 207 -5.98 -17.36 12.37
N ASN A 211 -11.91 -22.61 7.02
CA ASN A 211 -10.96 -21.51 7.13
C ASN A 211 -9.67 -21.83 6.37
N ALA A 212 -8.58 -21.16 6.73
CA ALA A 212 -7.29 -21.40 6.11
C ALA A 212 -6.21 -21.44 7.18
N ARG A 213 -5.18 -22.24 6.93
CA ARG A 213 -4.05 -22.30 7.85
C ARG A 213 -3.34 -20.95 7.86
N PRO A 214 -3.00 -20.41 9.03
CA PRO A 214 -2.32 -19.11 9.10
C PRO A 214 -0.81 -19.28 9.10
N PHE A 215 -0.13 -18.16 8.89
CA PHE A 215 1.28 -18.04 9.25
C PHE A 215 1.32 -17.59 10.71
N ILE A 216 2.26 -18.15 11.47
CA ILE A 216 2.44 -17.83 12.88
C ILE A 216 3.82 -17.22 13.08
N THR A 217 3.91 -16.23 13.97
CA THR A 217 5.19 -15.60 14.29
C THR A 217 5.17 -15.18 15.76
N HIS A 218 6.36 -15.08 16.34
CA HIS A 218 6.52 -14.75 17.76
C HIS A 218 6.86 -13.28 17.89
N HIS A 219 6.00 -12.54 18.60
CA HIS A 219 6.30 -11.16 18.98
C HIS A 219 7.23 -11.17 20.18
N ASN A 220 8.38 -10.51 20.06
CA ASN A 220 9.36 -10.54 21.14
C ASN A 220 8.94 -9.64 22.31
N ASP A 221 8.51 -8.41 22.01
CA ASP A 221 8.22 -7.46 23.08
C ASP A 221 7.01 -7.90 23.90
N LEU A 222 5.99 -8.44 23.25
CA LEU A 222 4.76 -8.84 23.92
C LEU A 222 4.74 -10.33 24.28
N ASP A 223 5.80 -11.08 23.97
CA ASP A 223 5.91 -12.51 24.28
C ASP A 223 4.67 -13.27 23.82
N LEU A 224 4.15 -12.89 22.67
CA LEU A 224 2.95 -13.48 22.12
C LEU A 224 3.26 -14.10 20.78
N ASP A 225 2.48 -15.12 20.42
CA ASP A 225 2.52 -15.71 19.10
C ASP A 225 1.37 -15.12 18.28
N LEU A 226 1.71 -14.41 17.20
CA LEU A 226 0.73 -13.70 16.40
C LEU A 226 0.51 -14.42 15.08
N TYR A 227 -0.59 -14.04 14.43
CA TYR A 227 -0.98 -14.63 13.16
C TYR A 227 -0.95 -13.55 12.08
N LEU A 228 -0.31 -13.85 10.97
CA LEU A 228 -0.39 -12.97 9.81
C LEU A 228 -1.80 -13.00 9.25
N ARG A 229 -2.30 -11.82 8.90
CA ARG A 229 -3.70 -11.71 8.49
C ARG A 229 -3.95 -12.55 7.25
N ILE A 230 -5.13 -13.16 7.20
CA ILE A 230 -5.58 -13.83 6.00
C ILE A 230 -6.56 -12.95 5.21
N ALA A 231 -7.11 -11.92 5.83
CA ALA A 231 -7.99 -10.98 5.17
C ALA A 231 -8.00 -9.69 5.97
N THR A 232 -8.53 -8.63 5.36
CA THR A 232 -8.68 -7.35 6.02
C THR A 232 -10.11 -7.10 6.49
N GLU A 233 -11.00 -8.08 6.35
CA GLU A 233 -12.44 -7.88 6.51
C GLU A 233 -12.78 -7.27 7.88
N LEU A 234 -12.34 -7.92 8.95
CA LEU A 234 -12.83 -7.55 10.28
C LEU A 234 -12.44 -6.13 10.71
N PRO A 235 -11.17 -5.70 10.66
CA PRO A 235 -10.90 -4.29 11.04
C PRO A 235 -11.57 -3.27 10.13
N LEU A 236 -11.69 -3.53 8.83
CA LEU A 236 -12.37 -2.57 7.94
C LEU A 236 -13.84 -2.41 8.32
N LYS A 237 -14.49 -3.51 8.72
CA LYS A 237 -15.89 -3.41 9.11
C LYS A 237 -16.04 -2.59 10.39
N MET A 238 -15.06 -2.68 11.30
CA MET A 238 -15.11 -1.86 12.51
C MET A 238 -15.02 -0.38 12.17
N LEU A 239 -14.36 -0.03 11.06
CA LEU A 239 -14.30 1.37 10.64
C LEU A 239 -15.65 1.85 10.14
N ILE A 240 -16.42 0.98 9.47
CA ILE A 240 -17.80 1.33 9.12
C ILE A 240 -18.59 1.68 10.36
N VAL A 241 -18.46 0.86 11.41
CA VAL A 241 -19.05 1.20 12.70
C VAL A 241 -18.55 2.56 13.15
N GLY A 242 -17.25 2.79 13.02
CA GLY A 242 -16.66 4.04 13.40
C GLY A 242 -17.12 5.25 12.61
N GLY A 243 -17.95 5.06 11.57
CA GLY A 243 -18.44 6.17 10.77
C GLY A 243 -17.64 6.50 9.53
N ILE A 244 -16.67 5.66 9.14
CA ILE A 244 -15.98 5.84 7.86
C ILE A 244 -16.78 5.00 6.87
N ASP A 245 -17.74 5.66 6.19
CA ASP A 245 -18.80 4.94 5.48
C ASP A 245 -18.33 4.29 4.18
N LYS A 246 -17.27 4.82 3.56
CA LYS A 246 -16.68 4.22 2.36
C LYS A 246 -15.20 4.05 2.66
N VAL A 247 -14.73 2.81 2.77
CA VAL A 247 -13.36 2.56 3.25
C VAL A 247 -12.78 1.39 2.45
N TYR A 248 -11.45 1.39 2.29
CA TYR A 248 -10.82 0.28 1.60
C TYR A 248 -9.35 0.16 1.96
N GLU A 249 -8.76 -0.98 1.59
CA GLU A 249 -7.36 -1.25 1.81
C GLU A 249 -6.84 -2.08 0.64
N ILE A 250 -5.65 -1.74 0.16
CA ILE A 250 -4.92 -2.54 -0.82
C ILE A 250 -3.61 -2.94 -0.16
N GLY A 251 -3.37 -4.25 -0.05
CA GLY A 251 -2.19 -4.72 0.65
C GLY A 251 -2.12 -6.23 0.59
N LYS A 252 -1.13 -6.76 1.30
CA LYS A 252 -0.84 -8.18 1.23
C LYS A 252 -1.60 -8.94 2.31
N VAL A 253 -2.09 -10.13 1.94
CA VAL A 253 -2.66 -11.07 2.89
C VAL A 253 -1.97 -12.41 2.67
N PHE A 254 -2.07 -13.29 3.66
CA PHE A 254 -1.23 -14.48 3.72
C PHE A 254 -2.08 -15.71 3.97
N ARG A 255 -1.81 -16.77 3.20
CA ARG A 255 -2.43 -18.07 3.39
C ARG A 255 -1.33 -19.13 3.38
N ASN A 256 -1.12 -19.79 4.52
CA ASN A 256 -0.08 -20.81 4.63
C ASN A 256 -0.58 -22.12 4.01
N GLU A 257 -0.66 -22.10 2.68
CA GLU A 257 -1.26 -23.20 1.92
C GLU A 257 -0.39 -23.50 0.70
N GLY A 258 -0.94 -24.31 -0.21
CA GLY A 258 -0.14 -24.83 -1.32
C GLY A 258 -0.04 -23.84 -2.48
N ILE A 259 1.17 -23.74 -3.03
CA ILE A 259 1.39 -22.88 -4.19
C ILE A 259 0.77 -23.52 -5.43
N ASP A 260 0.22 -22.68 -6.29
CA ASP A 260 -0.43 -23.11 -7.52
C ASP A 260 -0.30 -21.98 -8.53
N ASN A 261 -0.60 -22.30 -9.80
CA ASN A 261 -0.53 -21.28 -10.84
C ASN A 261 -1.47 -20.11 -10.59
N THR A 262 -2.50 -20.29 -9.74
CA THR A 262 -3.38 -19.18 -9.35
C THR A 262 -3.45 -19.00 -7.84
N HIS A 263 -2.55 -19.63 -7.08
CA HIS A 263 -2.53 -19.50 -5.63
C HIS A 263 -1.10 -19.20 -5.18
N ASN A 264 -0.90 -18.05 -4.56
CA ASN A 264 0.37 -17.75 -3.91
C ASN A 264 0.17 -17.46 -2.44
N PRO A 265 0.97 -18.06 -1.55
CA PRO A 265 0.74 -17.90 -0.10
C PRO A 265 0.77 -16.45 0.35
N GLU A 266 1.59 -15.62 -0.29
CA GLU A 266 1.56 -14.17 -0.11
C GLU A 266 0.97 -13.56 -1.38
N PHE A 267 -0.15 -12.86 -1.22
CA PHE A 267 -0.78 -12.27 -2.39
C PHE A 267 -1.45 -10.95 -2.01
N THR A 268 -1.69 -10.14 -3.04
CA THR A 268 -2.16 -8.77 -2.90
C THR A 268 -3.68 -8.71 -3.02
N SER A 269 -4.33 -8.13 -2.01
CA SER A 269 -5.78 -8.04 -1.94
C SER A 269 -6.21 -6.59 -1.98
N CYS A 270 -7.43 -6.37 -2.48
CA CYS A 270 -8.18 -5.13 -2.27
C CYS A 270 -9.54 -5.50 -1.68
N GLU A 271 -9.88 -4.88 -0.55
CA GLU A 271 -11.21 -5.03 0.04
C GLU A 271 -11.77 -3.64 0.32
N PHE A 272 -13.03 -3.42 -0.03
CA PHE A 272 -13.73 -2.20 0.35
C PHE A 272 -15.03 -2.56 1.07
N TYR A 273 -15.47 -1.64 1.91
CA TYR A 273 -16.78 -1.72 2.52
C TYR A 273 -17.50 -0.42 2.24
N TRP A 274 -18.81 -0.52 1.98
CA TRP A 274 -19.60 0.56 1.40
C TRP A 274 -20.94 0.58 2.13
N ALA A 275 -21.05 1.44 3.13
CA ALA A 275 -22.27 1.52 3.92
C ALA A 275 -23.46 1.90 3.04
N TYR A 276 -24.57 1.21 3.25
CA TYR A 276 -25.87 1.42 2.57
C TYR A 276 -25.86 0.95 1.12
N ALA A 277 -24.86 0.17 0.70
CA ALA A 277 -24.85 -0.45 -0.61
C ALA A 277 -25.65 -1.76 -0.59
N ASP A 278 -26.27 -2.09 -1.72
CA ASP A 278 -27.06 -3.31 -1.83
C ASP A 278 -26.48 -4.21 -2.92
N TYR A 279 -27.19 -5.29 -3.21
CA TYR A 279 -26.75 -6.24 -4.24
C TYR A 279 -26.55 -5.53 -5.57
N ASN A 280 -27.51 -4.70 -5.97
CA ASN A 280 -27.43 -4.03 -7.26
C ASN A 280 -26.22 -3.09 -7.32
N ASP A 281 -25.96 -2.35 -6.25
CA ASP A 281 -24.80 -1.46 -6.22
C ASP A 281 -23.51 -2.24 -6.42
N LEU A 282 -23.37 -3.38 -5.72
CA LEU A 282 -22.16 -4.19 -5.87
C LEU A 282 -22.07 -4.81 -7.24
N ILE A 283 -23.20 -5.20 -7.84
CA ILE A 283 -23.19 -5.67 -9.22
C ILE A 283 -22.70 -4.58 -10.14
N LYS A 284 -23.29 -3.39 -10.02
CA LYS A 284 -22.95 -2.30 -10.92
C LYS A 284 -21.50 -1.84 -10.71
N TRP A 285 -21.02 -1.82 -9.46
CA TRP A 285 -19.62 -1.46 -9.23
C TRP A 285 -18.68 -2.41 -9.96
N SER A 286 -18.93 -3.72 -9.82
CA SER A 286 -18.07 -4.71 -10.48
C SER A 286 -18.13 -4.56 -11.99
N GLU A 287 -19.33 -4.34 -12.54
CA GLU A 287 -19.46 -4.27 -13.99
C GLU A 287 -18.83 -3.00 -14.55
N ASP A 288 -18.98 -1.87 -13.84
CA ASP A 288 -18.32 -0.65 -14.28
C ASP A 288 -16.80 -0.76 -14.17
N PHE A 289 -16.30 -1.37 -13.09
CA PHE A 289 -14.87 -1.39 -12.86
C PHE A 289 -14.14 -2.22 -13.91
N PHE A 290 -14.58 -3.46 -14.14
CA PHE A 290 -13.88 -4.33 -15.09
C PHE A 290 -13.97 -3.80 -16.52
N SER A 291 -15.15 -3.31 -16.93
CA SER A 291 -15.28 -2.82 -18.30
C SER A 291 -14.44 -1.56 -18.51
N GLN A 292 -14.54 -0.59 -17.59
CA GLN A 292 -13.77 0.64 -17.72
C GLN A 292 -12.27 0.39 -17.58
N LEU A 293 -11.87 -0.57 -16.75
CA LEU A 293 -10.44 -0.87 -16.60
C LEU A 293 -9.87 -1.47 -17.88
N VAL A 294 -10.59 -2.41 -18.49
CA VAL A 294 -10.06 -3.06 -19.69
C VAL A 294 -10.02 -2.06 -20.85
N TYR A 295 -11.04 -1.21 -20.96
CA TYR A 295 -11.05 -0.18 -21.98
C TYR A 295 -9.91 0.82 -21.75
N HIS A 296 -9.67 1.19 -20.48
CA HIS A 296 -8.58 2.10 -20.16
C HIS A 296 -7.23 1.53 -20.58
N LEU A 297 -7.09 0.20 -20.51
CA LEU A 297 -5.83 -0.44 -20.85
C LEU A 297 -5.69 -0.74 -22.34
N PHE A 298 -6.81 -1.06 -23.02
CA PHE A 298 -6.74 -1.61 -24.37
C PHE A 298 -7.51 -0.81 -25.41
N GLY A 299 -8.32 0.16 -25.01
CA GLY A 299 -9.14 0.87 -25.98
C GLY A 299 -10.28 0.06 -26.55
N THR A 300 -10.53 -1.13 -25.99
CA THR A 300 -11.58 -2.02 -26.44
C THR A 300 -12.00 -2.87 -25.26
N TYR A 301 -13.22 -3.40 -25.31
CA TYR A 301 -13.69 -4.27 -24.25
C TYR A 301 -13.30 -5.72 -24.46
N LYS A 302 -12.64 -6.04 -25.57
CA LYS A 302 -12.37 -7.42 -25.97
C LYS A 302 -10.86 -7.64 -25.96
N ILE A 303 -10.41 -8.64 -25.20
CA ILE A 303 -9.00 -9.02 -25.12
C ILE A 303 -8.85 -10.47 -25.55
N SER A 304 -7.60 -10.85 -25.79
CA SER A 304 -7.26 -12.22 -26.14
C SER A 304 -6.41 -12.83 -25.03
N TYR A 305 -6.62 -14.11 -24.74
CA TYR A 305 -5.96 -14.75 -23.61
C TYR A 305 -5.62 -16.20 -23.96
N ASN A 306 -4.34 -16.56 -23.83
CA ASN A 306 -3.91 -17.93 -24.07
C ASN A 306 -4.18 -18.77 -22.82
N LYS A 307 -5.46 -19.15 -22.66
CA LYS A 307 -5.84 -19.95 -21.50
C LYS A 307 -5.13 -21.30 -21.50
N ASP A 308 -4.81 -21.83 -22.68
CA ASP A 308 -4.16 -23.13 -22.81
C ASP A 308 -2.68 -22.99 -23.20
N GLY A 309 -2.02 -21.94 -22.74
CA GLY A 309 -0.59 -21.81 -22.94
C GLY A 309 -0.22 -21.12 -24.24
N PRO A 310 1.02 -20.62 -24.33
CA PRO A 310 1.45 -19.95 -25.55
C PRO A 310 1.55 -20.87 -26.75
N GLU A 311 1.60 -22.19 -26.55
CA GLU A 311 1.61 -23.11 -27.68
C GLU A 311 0.25 -23.20 -28.35
N ASN A 312 -0.82 -23.28 -27.55
CA ASN A 312 -2.16 -23.44 -28.10
C ASN A 312 -2.75 -22.08 -28.50
N GLN A 313 -3.91 -22.14 -29.17
CA GLN A 313 -4.59 -20.97 -29.71
C GLN A 313 -5.31 -20.19 -28.61
N PRO A 314 -5.44 -18.88 -28.77
CA PRO A 314 -6.09 -18.06 -27.74
C PRO A 314 -7.60 -17.94 -27.95
N ILE A 315 -8.28 -17.63 -26.84
CA ILE A 315 -9.69 -17.30 -26.86
C ILE A 315 -9.85 -15.79 -26.69
N GLU A 316 -11.08 -15.32 -26.90
CA GLU A 316 -11.41 -13.91 -26.69
C GLU A 316 -12.34 -13.78 -25.50
N ILE A 317 -11.98 -12.91 -24.56
CA ILE A 317 -12.82 -12.58 -23.42
C ILE A 317 -13.40 -11.19 -23.66
N ASP A 318 -14.72 -11.11 -23.70
CA ASP A 318 -15.44 -9.86 -23.91
C ASP A 318 -15.88 -9.31 -22.56
N PHE A 319 -15.49 -8.07 -22.27
CA PHE A 319 -15.82 -7.42 -21.01
C PHE A 319 -16.97 -6.43 -21.15
N THR A 320 -17.68 -6.45 -22.26
CA THR A 320 -18.84 -5.58 -22.43
C THR A 320 -19.89 -5.93 -21.38
N PRO A 321 -20.29 -4.99 -20.54
CA PRO A 321 -21.33 -5.27 -19.56
C PRO A 321 -22.68 -5.27 -20.24
N PRO A 322 -23.71 -5.85 -19.62
CA PRO A 322 -23.70 -6.56 -18.34
C PRO A 322 -23.19 -8.00 -18.49
N TYR A 323 -22.88 -8.64 -17.40
CA TYR A 323 -22.47 -10.04 -17.39
C TYR A 323 -23.59 -10.91 -16.84
N PRO A 324 -23.70 -12.16 -17.28
CA PRO A 324 -24.76 -13.03 -16.77
C PRO A 324 -24.59 -13.33 -15.29
N LYS A 325 -25.70 -13.69 -14.65
CA LYS A 325 -25.76 -14.07 -13.24
C LYS A 325 -26.45 -15.42 -13.13
N VAL A 326 -25.83 -16.35 -12.41
CA VAL A 326 -26.33 -17.71 -12.28
C VAL A 326 -26.51 -18.03 -10.81
N SER A 327 -27.71 -18.47 -10.42
CA SER A 327 -28.01 -18.77 -9.03
C SER A 327 -27.50 -20.17 -8.71
N ILE A 328 -26.59 -20.29 -7.73
CA ILE A 328 -25.82 -21.53 -7.60
C ILE A 328 -26.75 -22.71 -7.32
N VAL A 329 -27.68 -22.58 -6.38
CA VAL A 329 -28.48 -23.73 -5.98
C VAL A 329 -29.45 -24.13 -7.08
N GLU A 330 -30.14 -23.15 -7.68
CA GLU A 330 -31.07 -23.43 -8.77
C GLU A 330 -30.38 -24.13 -9.94
N GLU A 331 -29.26 -23.57 -10.39
CA GLU A 331 -28.56 -24.14 -11.54
C GLU A 331 -28.05 -25.53 -11.27
N ILE A 332 -27.61 -25.82 -10.03
CA ILE A 332 -27.09 -27.15 -9.77
C ILE A 332 -28.20 -28.19 -9.88
N GLU A 333 -29.45 -27.80 -9.64
CA GLU A 333 -30.51 -28.78 -9.86
C GLU A 333 -30.97 -28.83 -11.32
N LYS A 334 -30.99 -27.69 -12.01
CA LYS A 334 -31.40 -27.74 -13.41
C LYS A 334 -30.38 -28.50 -14.24
N VAL A 335 -29.24 -28.91 -13.65
CA VAL A 335 -28.33 -29.78 -14.38
C VAL A 335 -28.19 -31.13 -13.70
N THR A 336 -28.34 -31.21 -12.37
CA THR A 336 -28.29 -32.51 -11.71
C THR A 336 -29.67 -33.14 -11.49
N ASN A 337 -30.75 -32.37 -11.66
CA ASN A 337 -32.11 -32.90 -11.51
C ASN A 337 -32.31 -33.54 -10.14
N THR A 338 -31.84 -32.84 -9.10
CA THR A 338 -31.82 -33.36 -7.74
C THR A 338 -32.00 -32.20 -6.77
N ILE A 339 -33.02 -32.27 -5.94
CA ILE A 339 -33.29 -31.19 -5.01
C ILE A 339 -32.42 -31.31 -3.78
N LEU A 340 -31.90 -30.19 -3.32
CA LEU A 340 -31.09 -30.20 -2.12
C LEU A 340 -31.87 -29.64 -0.96
N GLU A 341 -32.23 -30.49 -0.02
CA GLU A 341 -33.10 -30.08 1.09
C GLU A 341 -32.58 -28.94 1.92
N GLN A 342 -33.47 -28.06 2.33
CA GLN A 342 -33.10 -26.87 3.08
C GLN A 342 -31.86 -26.97 3.94
N PRO A 343 -31.91 -27.75 5.02
CA PRO A 343 -30.68 -27.72 5.81
C PRO A 343 -29.59 -28.32 4.95
N PHE A 344 -28.81 -27.47 4.31
CA PHE A 344 -27.78 -27.97 3.40
C PHE A 344 -26.73 -28.75 4.15
N ASP A 345 -26.58 -28.48 5.44
CA ASP A 345 -25.65 -29.24 6.26
C ASP A 345 -26.28 -30.47 6.89
N SER A 346 -27.52 -30.79 6.55
CA SER A 346 -28.12 -32.02 7.05
C SER A 346 -27.30 -33.22 6.60
N ASN A 347 -27.31 -34.27 7.42
CA ASN A 347 -26.59 -35.48 7.03
C ASN A 347 -27.15 -36.06 5.75
N GLU A 348 -28.46 -35.94 5.53
CA GLU A 348 -29.06 -36.43 4.30
C GLU A 348 -28.60 -35.62 3.09
N THR A 349 -28.64 -34.29 3.20
CA THR A 349 -28.26 -33.45 2.06
C THR A 349 -26.78 -33.61 1.72
N ILE A 350 -25.93 -33.76 2.73
CA ILE A 350 -24.52 -33.97 2.49
C ILE A 350 -24.30 -35.28 1.73
N GLU A 351 -24.99 -36.35 2.14
CA GLU A 351 -24.81 -37.63 1.47
C GLU A 351 -25.26 -37.56 0.02
N LYS A 352 -26.38 -36.87 -0.27
CA LYS A 352 -26.86 -36.79 -1.65
C LYS A 352 -25.87 -36.03 -2.52
N MET A 353 -25.28 -34.96 -1.99
CA MET A 353 -24.28 -34.21 -2.75
C MET A 353 -23.06 -35.08 -3.04
N ILE A 354 -22.63 -35.87 -2.05
CA ILE A 354 -21.56 -36.83 -2.26
C ILE A 354 -21.93 -37.81 -3.37
N ASN A 355 -23.18 -38.26 -3.38
CA ASN A 355 -23.62 -39.24 -4.37
C ASN A 355 -23.50 -38.69 -5.79
N ILE A 356 -23.86 -37.41 -5.99
CA ILE A 356 -23.70 -36.80 -7.31
C ILE A 356 -22.23 -36.78 -7.71
N ILE A 357 -21.38 -36.38 -6.76
CA ILE A 357 -19.94 -36.33 -6.99
C ILE A 357 -19.40 -37.72 -7.33
N LYS A 358 -19.86 -38.75 -6.62
CA LYS A 358 -19.43 -40.11 -6.90
C LYS A 358 -19.85 -40.56 -8.30
N GLU A 359 -21.14 -40.39 -8.62
CA GLU A 359 -21.68 -40.84 -9.90
C GLU A 359 -21.07 -40.10 -11.09
N HIS A 360 -20.54 -38.89 -10.89
CA HIS A 360 -19.89 -38.15 -11.96
C HIS A 360 -18.37 -38.24 -11.91
N LYS A 361 -17.82 -39.08 -11.03
CA LYS A 361 -16.37 -39.30 -10.92
C LYS A 361 -15.63 -37.99 -10.66
N ILE A 362 -16.22 -37.17 -9.79
CA ILE A 362 -15.67 -35.88 -9.36
C ILE A 362 -14.99 -36.07 -8.02
N GLU A 363 -13.86 -35.39 -7.80
CA GLU A 363 -13.06 -35.63 -6.59
C GLU A 363 -13.75 -35.09 -5.34
N LEU A 364 -13.93 -35.96 -4.35
CA LEU A 364 -14.48 -35.55 -3.06
C LEU A 364 -13.56 -34.54 -2.39
N PRO A 365 -14.04 -33.36 -2.04
CA PRO A 365 -13.17 -32.33 -1.47
C PRO A 365 -12.72 -32.73 -0.06
N ASN A 366 -11.62 -32.12 0.37
CA ASN A 366 -11.05 -32.37 1.69
C ASN A 366 -11.15 -31.13 2.56
N PRO A 367 -11.93 -31.14 3.66
CA PRO A 367 -12.82 -32.21 4.15
C PRO A 367 -14.17 -32.20 3.42
N PRO A 368 -14.96 -33.28 3.53
CA PRO A 368 -16.22 -33.40 2.77
C PRO A 368 -17.40 -32.66 3.43
N THR A 369 -17.31 -31.34 3.46
CA THR A 369 -18.33 -30.50 4.10
C THR A 369 -19.28 -29.92 3.05
N ALA A 370 -20.52 -29.64 3.49
CA ALA A 370 -21.56 -29.21 2.57
C ALA A 370 -21.13 -27.97 1.78
N ALA A 371 -20.49 -27.01 2.45
CA ALA A 371 -19.96 -25.86 1.71
C ALA A 371 -18.90 -26.28 0.71
N LYS A 372 -18.04 -27.23 1.08
CA LYS A 372 -17.02 -27.68 0.15
C LYS A 372 -17.63 -28.43 -1.03
N LEU A 373 -18.60 -29.31 -0.77
CA LEU A 373 -19.24 -30.05 -1.86
C LEU A 373 -19.94 -29.14 -2.84
N LEU A 374 -20.66 -28.13 -2.35
CA LEU A 374 -21.32 -27.19 -3.27
C LEU A 374 -20.30 -26.43 -4.12
N ASP A 375 -19.16 -26.10 -3.52
CA ASP A 375 -18.06 -25.52 -4.28
C ASP A 375 -17.62 -26.44 -5.42
N GLN A 376 -17.39 -27.72 -5.12
CA GLN A 376 -17.00 -28.66 -6.17
C GLN A 376 -18.07 -28.75 -7.26
N LEU A 377 -19.34 -28.86 -6.86
CA LEU A 377 -20.41 -29.00 -7.86
C LEU A 377 -20.54 -27.75 -8.70
N ALA A 378 -20.38 -26.58 -8.09
CA ALA A 378 -20.37 -25.33 -8.85
C ALA A 378 -19.19 -25.29 -9.82
N SER A 379 -18.03 -25.79 -9.39
CA SER A 379 -16.85 -25.76 -10.25
C SER A 379 -17.08 -26.54 -11.53
N HIS A 380 -17.74 -27.69 -11.44
CA HIS A 380 -17.83 -28.58 -12.58
C HIS A 380 -19.11 -28.40 -13.39
N PHE A 381 -20.20 -27.94 -12.78
CA PHE A 381 -21.44 -27.80 -13.51
C PHE A 381 -21.77 -26.36 -13.92
N ILE A 382 -21.13 -25.35 -13.31
CA ILE A 382 -21.44 -23.95 -13.55
C ILE A 382 -20.21 -23.16 -13.99
N GLU A 383 -19.12 -23.26 -13.22
CA GLU A 383 -18.01 -22.31 -13.31
C GLU A 383 -17.34 -22.28 -14.67
N ASN A 384 -17.52 -23.32 -15.49
CA ASN A 384 -16.91 -23.37 -16.81
C ASN A 384 -17.95 -23.31 -17.93
N LYS A 385 -19.17 -22.86 -17.63
CA LYS A 385 -20.16 -22.70 -18.68
C LYS A 385 -19.85 -21.50 -19.57
N TYR A 386 -19.63 -20.34 -18.96
CA TYR A 386 -19.35 -19.10 -19.68
C TYR A 386 -17.86 -18.79 -19.52
N ASN A 387 -17.10 -18.94 -20.61
CA ASN A 387 -15.68 -18.65 -20.61
C ASN A 387 -15.27 -17.61 -21.66
N ASP A 388 -16.19 -17.19 -22.52
CA ASP A 388 -15.91 -16.11 -23.47
C ASP A 388 -16.25 -14.74 -22.91
N LYS A 389 -16.65 -14.65 -21.64
CA LYS A 389 -16.90 -13.40 -20.95
C LYS A 389 -17.00 -13.70 -19.46
N PRO A 390 -16.83 -12.69 -18.61
CA PRO A 390 -16.99 -12.91 -17.17
C PRO A 390 -18.45 -13.13 -16.79
N PHE A 391 -18.64 -13.81 -15.65
CA PHE A 391 -20.00 -14.03 -15.15
C PHE A 391 -19.96 -14.17 -13.64
N PHE A 392 -21.11 -13.92 -13.02
CA PHE A 392 -21.30 -14.03 -11.58
C PHE A 392 -22.03 -15.32 -11.23
N ILE A 393 -21.59 -15.97 -10.16
CA ILE A 393 -22.40 -16.96 -9.43
C ILE A 393 -22.97 -16.25 -8.22
N VAL A 394 -24.29 -16.37 -8.01
CA VAL A 394 -24.99 -15.53 -7.03
C VAL A 394 -25.84 -16.39 -6.10
N GLU A 395 -26.18 -15.80 -4.95
CA GLU A 395 -27.17 -16.34 -4.01
C GLU A 395 -26.68 -17.65 -3.37
N HIS A 396 -25.44 -17.63 -2.90
CA HIS A 396 -24.85 -18.78 -2.26
C HIS A 396 -25.56 -19.05 -0.93
N PRO A 397 -25.68 -20.32 -0.53
CA PRO A 397 -26.31 -20.62 0.76
C PRO A 397 -25.56 -19.97 1.90
N GLN A 398 -26.27 -19.71 2.99
CA GLN A 398 -25.64 -19.14 4.17
C GLN A 398 -24.54 -20.03 4.74
N ILE A 399 -24.61 -21.36 4.53
CA ILE A 399 -23.56 -22.23 5.07
C ILE A 399 -22.20 -21.92 4.45
N MET A 400 -22.19 -21.37 3.23
CA MET A 400 -20.94 -21.02 2.57
C MET A 400 -20.44 -19.64 2.95
N SER A 401 -21.33 -18.74 3.36
CA SER A 401 -20.96 -17.36 3.68
C SER A 401 -21.61 -16.95 4.99
N PRO A 402 -21.09 -17.44 6.12
CA PRO A 402 -21.74 -17.16 7.41
C PRO A 402 -21.75 -15.68 7.79
N LEU A 403 -20.93 -14.85 7.16
CA LEU A 403 -20.90 -13.42 7.44
C LEU A 403 -21.83 -12.61 6.55
N ALA A 404 -22.45 -13.23 5.55
CA ALA A 404 -23.34 -12.52 4.64
C ALA A 404 -24.73 -12.39 5.22
N LYS A 405 -25.46 -11.38 4.74
CA LYS A 405 -26.85 -11.16 5.15
C LYS A 405 -27.79 -12.10 4.38
N TYR A 406 -28.86 -12.52 5.05
CA TYR A 406 -29.81 -13.46 4.44
C TYR A 406 -30.45 -12.85 3.20
N HIS A 407 -30.73 -13.70 2.22
CA HIS A 407 -31.47 -13.29 1.05
C HIS A 407 -32.86 -12.78 1.43
N ARG A 408 -33.32 -11.75 0.72
CA ARG A 408 -34.55 -11.08 1.08
C ARG A 408 -35.77 -11.98 0.96
N THR A 409 -35.82 -12.84 -0.06
CA THR A 409 -36.99 -13.71 -0.28
C THR A 409 -36.69 -15.20 -0.40
N LYS A 410 -35.46 -15.61 -0.68
CA LYS A 410 -35.19 -17.04 -0.81
C LYS A 410 -34.58 -17.56 0.48
N PRO A 411 -35.30 -18.38 1.25
CA PRO A 411 -34.77 -18.81 2.55
C PRO A 411 -33.53 -19.68 2.42
N GLY A 412 -32.63 -19.53 3.39
CA GLY A 412 -31.37 -20.25 3.43
C GLY A 412 -30.29 -19.69 2.52
N LEU A 413 -30.58 -18.67 1.73
CA LEU A 413 -29.62 -18.11 0.79
C LEU A 413 -29.14 -16.74 1.27
N THR A 414 -28.15 -16.22 0.56
CA THR A 414 -27.57 -14.89 0.76
C THR A 414 -27.73 -14.11 -0.55
N GLU A 415 -27.23 -12.88 -0.55
CA GLU A 415 -27.14 -12.05 -1.75
C GLU A 415 -25.69 -11.88 -2.19
N ARG A 416 -24.89 -12.93 -2.02
CA ARG A 416 -23.49 -12.90 -2.40
C ARG A 416 -23.32 -13.00 -3.91
N LEU A 417 -22.29 -12.33 -4.43
CA LEU A 417 -21.91 -12.42 -5.83
C LEU A 417 -20.44 -12.75 -5.93
N GLU A 418 -20.09 -13.68 -6.83
CA GLU A 418 -18.71 -14.05 -7.09
C GLU A 418 -18.49 -14.04 -8.59
N MET A 419 -17.51 -13.26 -9.05
CA MET A 419 -17.22 -13.13 -10.47
C MET A 419 -16.07 -14.03 -10.88
N PHE A 420 -16.26 -14.71 -12.01
CA PHE A 420 -15.32 -15.67 -12.56
C PHE A 420 -14.84 -15.21 -13.92
N ILE A 421 -13.56 -15.43 -14.19
CA ILE A 421 -12.99 -15.23 -15.52
C ILE A 421 -12.28 -16.53 -15.89
N CYS A 422 -12.70 -17.15 -16.98
CA CYS A 422 -12.09 -18.38 -17.47
C CYS A 422 -12.04 -19.43 -16.35
N GLY A 423 -13.09 -19.49 -15.55
CA GLY A 423 -13.16 -20.50 -14.50
C GLY A 423 -12.40 -20.19 -13.23
N LYS A 424 -11.82 -19.00 -13.10
CA LYS A 424 -11.12 -18.60 -11.88
C LYS A 424 -11.87 -17.46 -11.21
N GLU A 425 -12.11 -17.59 -9.91
CA GLU A 425 -12.76 -16.52 -9.18
C GLU A 425 -11.83 -15.33 -9.07
N VAL A 426 -12.42 -14.15 -9.22
CA VAL A 426 -11.65 -12.92 -9.27
C VAL A 426 -12.21 -11.85 -8.36
N LEU A 427 -13.45 -11.99 -7.88
CA LEU A 427 -14.14 -10.99 -7.09
C LEU A 427 -15.22 -11.68 -6.27
N ASN A 428 -15.31 -11.28 -4.99
CA ASN A 428 -16.34 -11.79 -4.09
C ASN A 428 -16.97 -10.61 -3.36
N ALA A 429 -18.30 -10.58 -3.31
CA ALA A 429 -19.00 -9.49 -2.64
C ALA A 429 -20.28 -9.99 -1.97
N TYR A 430 -20.65 -9.33 -0.88
CA TYR A 430 -21.97 -9.53 -0.28
C TYR A 430 -22.32 -8.38 0.65
N THR A 431 -23.62 -8.23 0.90
CA THR A 431 -24.11 -7.42 2.01
C THR A 431 -23.82 -8.15 3.31
N GLU A 432 -23.60 -7.38 4.37
CA GLU A 432 -23.11 -7.92 5.63
C GLU A 432 -24.25 -8.23 6.59
N LEU A 433 -24.16 -9.37 7.27
CA LEU A 433 -25.08 -9.74 8.34
C LEU A 433 -24.83 -8.82 9.53
N ASN A 434 -25.70 -7.85 9.76
CA ASN A 434 -25.47 -6.87 10.81
C ASN A 434 -26.36 -7.05 12.04
N ASP A 435 -27.20 -8.08 12.07
CA ASP A 435 -27.94 -8.38 13.28
C ASP A 435 -27.09 -9.32 14.13
N PRO A 436 -26.52 -8.86 15.26
CA PRO A 436 -25.61 -9.72 16.02
C PRO A 436 -26.27 -10.99 16.55
N PHE A 437 -27.60 -11.03 16.63
CA PHE A 437 -28.29 -12.21 17.11
C PHE A 437 -28.44 -13.30 16.05
N LYS A 438 -28.04 -13.03 14.81
CA LYS A 438 -27.98 -14.05 13.78
C LYS A 438 -26.56 -14.50 13.45
N GLN A 439 -25.56 -13.96 14.15
CA GLN A 439 -24.18 -14.39 13.93
C GLN A 439 -23.89 -15.60 14.79
N LYS A 440 -23.98 -16.79 14.17
CA LYS A 440 -23.65 -18.03 14.88
C LYS A 440 -22.21 -18.02 15.36
N GLU A 441 -21.32 -17.33 14.64
CA GLU A 441 -19.92 -17.24 15.05
C GLU A 441 -19.74 -16.48 16.36
N CYS A 442 -20.73 -15.70 16.78
CA CYS A 442 -20.70 -14.99 18.06
C CYS A 442 -21.27 -15.92 19.12
N PHE A 443 -20.41 -16.72 19.72
CA PHE A 443 -20.80 -17.68 20.75
C PHE A 443 -20.37 -17.22 22.14
N ASP A 461 -11.36 -11.90 16.58
CA ASP A 461 -12.76 -12.16 16.25
C ASP A 461 -13.67 -11.87 17.44
N SER A 462 -13.12 -11.87 18.65
CA SER A 462 -13.91 -11.49 19.82
C SER A 462 -14.33 -10.03 19.76
N ALA A 463 -13.42 -9.15 19.36
CA ALA A 463 -13.72 -7.72 19.30
C ALA A 463 -14.76 -7.39 18.24
N PHE A 464 -14.93 -8.24 17.24
CA PHE A 464 -15.84 -7.94 16.14
C PHE A 464 -17.29 -8.11 16.57
N CYS A 465 -17.58 -9.16 17.34
CA CYS A 465 -18.93 -9.34 17.86
C CYS A 465 -19.35 -8.17 18.75
N THR A 466 -18.42 -7.68 19.57
CA THR A 466 -18.70 -6.50 20.38
C THR A 466 -19.04 -5.30 19.50
N SER A 467 -18.28 -5.10 18.41
CA SER A 467 -18.52 -3.94 17.56
C SER A 467 -19.86 -4.04 16.83
N LEU A 468 -20.30 -5.26 16.51
CA LEU A 468 -21.62 -5.44 15.91
C LEU A 468 -22.73 -4.97 16.84
N GLU A 469 -22.50 -5.00 18.14
CA GLU A 469 -23.48 -4.60 19.12
C GLU A 469 -23.55 -3.08 19.29
N TYR A 470 -22.65 -2.35 18.66
CA TYR A 470 -22.72 -0.89 18.68
C TYR A 470 -23.46 -0.32 17.48
N GLY A 471 -23.76 -1.12 16.48
CA GLY A 471 -24.51 -0.63 15.34
C GLY A 471 -23.69 -0.57 14.08
N LEU A 472 -23.83 -1.61 13.26
CA LEU A 472 -23.29 -1.66 11.93
C LEU A 472 -24.43 -1.39 10.95
N PRO A 473 -24.39 -0.29 10.20
CA PRO A 473 -25.46 -0.04 9.22
C PRO A 473 -25.46 -1.11 8.16
N PRO A 474 -26.54 -1.23 7.38
CA PRO A 474 -26.47 -2.09 6.19
C PRO A 474 -25.29 -1.67 5.31
N THR A 475 -24.57 -2.66 4.78
CA THR A 475 -23.22 -2.45 4.27
C THR A 475 -22.91 -3.50 3.22
N GLY A 476 -22.27 -3.08 2.13
CA GLY A 476 -21.75 -3.99 1.13
C GLY A 476 -20.24 -4.14 1.27
N GLY A 477 -19.77 -5.38 1.10
CA GLY A 477 -18.35 -5.66 1.13
C GLY A 477 -17.96 -6.35 -0.17
N LEU A 478 -16.71 -6.17 -0.56
CA LEU A 478 -16.24 -6.66 -1.85
C LEU A 478 -14.73 -6.85 -1.79
N GLY A 479 -14.24 -7.96 -2.32
CA GLY A 479 -12.82 -8.21 -2.40
C GLY A 479 -12.39 -8.56 -3.81
N LEU A 480 -11.16 -8.15 -4.15
CA LEU A 480 -10.59 -8.27 -5.48
C LEU A 480 -9.29 -9.05 -5.44
N GLY A 481 -9.11 -9.97 -6.40
CA GLY A 481 -7.83 -10.64 -6.51
C GLY A 481 -6.93 -9.95 -7.52
N ILE A 482 -6.07 -9.05 -7.03
CA ILE A 482 -5.24 -8.23 -7.92
C ILE A 482 -4.32 -9.09 -8.77
N ASP A 483 -3.70 -10.10 -8.16
CA ASP A 483 -2.78 -10.94 -8.91
C ASP A 483 -3.49 -11.72 -10.02
N ARG A 484 -4.66 -12.30 -9.74
CA ARG A 484 -5.40 -12.99 -10.80
C ARG A 484 -5.82 -12.03 -11.91
N ILE A 485 -6.28 -10.84 -11.53
CA ILE A 485 -6.71 -9.87 -12.55
C ILE A 485 -5.54 -9.50 -13.46
N THR A 486 -4.36 -9.27 -12.86
CA THR A 486 -3.18 -8.91 -13.64
C THR A 486 -2.78 -10.02 -14.60
N MET A 487 -2.94 -11.29 -14.19
CA MET A 487 -2.61 -12.40 -15.06
C MET A 487 -3.48 -12.42 -16.31
N PHE A 488 -4.79 -12.20 -16.16
CA PHE A 488 -5.66 -12.18 -17.34
C PHE A 488 -5.36 -10.99 -18.24
N LEU A 489 -5.04 -9.84 -17.64
CA LEU A 489 -4.82 -8.64 -18.45
C LEU A 489 -3.42 -8.55 -19.03
N THR A 490 -2.46 -9.37 -18.56
CA THR A 490 -1.15 -9.45 -19.20
C THR A 490 -0.93 -10.80 -19.88
N ASN A 491 -1.97 -11.62 -20.00
CA ASN A 491 -1.92 -12.85 -20.78
C ASN A 491 -0.87 -13.82 -20.23
N LYS A 492 -0.89 -14.01 -18.92
CA LYS A 492 -0.01 -14.94 -18.25
C LYS A 492 -0.83 -16.06 -17.64
N ASN A 493 -0.25 -17.26 -17.58
CA ASN A 493 -0.90 -18.45 -17.06
C ASN A 493 -0.48 -18.79 -15.64
N SER A 494 0.56 -18.13 -15.14
CA SER A 494 1.11 -18.43 -13.83
C SER A 494 1.23 -17.12 -13.05
N ILE A 495 0.86 -17.19 -11.77
CA ILE A 495 0.95 -16.04 -10.90
C ILE A 495 2.40 -15.60 -10.69
N LYS A 496 3.36 -16.50 -10.86
CA LYS A 496 4.76 -16.15 -10.70
C LYS A 496 5.24 -15.16 -11.75
N ASP A 497 4.51 -15.00 -12.86
CA ASP A 497 4.90 -14.09 -13.93
C ASP A 497 4.36 -12.67 -13.74
N VAL A 498 3.59 -12.43 -12.68
CA VAL A 498 3.07 -11.09 -12.39
C VAL A 498 3.52 -10.59 -11.04
N ILE A 499 4.40 -11.31 -10.38
CA ILE A 499 4.98 -10.91 -9.10
C ILE A 499 6.48 -10.74 -9.32
N LEU A 500 7.02 -9.62 -8.86
CA LEU A 500 8.41 -9.30 -9.20
C LEU A 500 9.37 -10.33 -8.65
N PHE A 501 9.21 -10.70 -7.37
CA PHE A 501 10.10 -11.66 -6.71
C PHE A 501 9.28 -12.74 -6.03
N PRO A 502 8.80 -13.74 -6.79
CA PRO A 502 8.07 -14.85 -6.15
C PRO A 502 9.01 -15.68 -5.28
N THR A 503 8.54 -16.02 -4.09
CA THR A 503 9.34 -16.77 -3.13
C THR A 503 9.68 -18.14 -3.63
N MET A 504 10.92 -18.56 -3.39
CA MET A 504 11.29 -19.91 -3.82
C MET A 504 12.37 -20.47 -2.92
N ARG A 505 12.45 -21.80 -2.87
CA ARG A 505 13.48 -22.48 -2.11
C ARG A 505 14.84 -22.24 -2.75
N PRO A 506 15.90 -22.03 -1.95
CA PRO A 506 17.19 -21.65 -2.53
C PRO A 506 17.96 -22.82 -3.14
N VAL B 3 -27.42 2.29 36.85
CA VAL B 3 -27.35 2.25 35.39
C VAL B 3 -26.21 1.34 34.93
N ASP B 4 -26.26 0.08 35.34
CA ASP B 4 -25.21 -0.86 34.98
C ASP B 4 -25.17 -1.05 33.47
N PRO B 5 -23.99 -1.00 32.85
CA PRO B 5 -23.91 -1.23 31.41
C PRO B 5 -24.39 -2.61 30.99
N ARG B 6 -24.20 -3.63 31.83
CA ARG B 6 -24.73 -4.95 31.52
C ARG B 6 -26.25 -4.98 31.55
N LEU B 7 -26.89 -4.05 32.27
CA LEU B 7 -28.35 -4.00 32.30
C LEU B 7 -28.90 -3.24 31.09
N TYR B 8 -28.25 -2.13 30.72
CA TYR B 8 -28.67 -1.38 29.54
C TYR B 8 -28.67 -2.28 28.31
N PHE B 9 -27.60 -3.06 28.12
CA PHE B 9 -27.51 -3.98 27.00
C PHE B 9 -28.63 -5.01 27.03
N GLU B 10 -28.94 -5.53 28.22
CA GLU B 10 -29.95 -6.59 28.32
C GLU B 10 -31.35 -6.05 28.01
N ASN B 11 -31.65 -4.79 28.39
CA ASN B 11 -32.92 -4.20 28.01
C ASN B 11 -32.98 -3.92 26.52
N ARG B 12 -31.91 -3.34 25.96
CA ARG B 12 -31.87 -3.11 24.52
C ARG B 12 -31.97 -4.43 23.76
N SER B 13 -31.31 -5.47 24.27
CA SER B 13 -31.42 -6.79 23.65
C SER B 13 -32.85 -7.32 23.74
N LYS B 14 -33.53 -7.08 24.86
CA LYS B 14 -34.93 -7.46 24.96
C LYS B 14 -35.79 -6.58 24.06
N PHE B 15 -35.44 -5.30 23.96
CA PHE B 15 -36.14 -4.40 23.03
C PHE B 15 -36.10 -4.95 21.62
N ILE B 16 -34.93 -5.42 21.17
CA ILE B 16 -34.77 -5.88 19.79
C ILE B 16 -35.69 -7.07 19.52
N GLN B 17 -35.70 -8.04 20.43
CA GLN B 17 -36.57 -9.20 20.27
C GLN B 17 -38.04 -8.81 20.38
N ASP B 18 -38.37 -7.80 21.19
CA ASP B 18 -39.74 -7.33 21.29
C ASP B 18 -40.24 -6.78 19.96
N GLN B 19 -39.40 -6.00 19.26
CA GLN B 19 -39.77 -5.51 17.94
C GLN B 19 -40.00 -6.64 16.96
N LYS B 20 -39.12 -7.66 16.98
CA LYS B 20 -39.25 -8.80 16.07
C LYS B 20 -40.57 -9.55 16.32
N ASP B 21 -40.93 -9.73 17.60
CA ASP B 21 -42.20 -10.38 17.92
C ASP B 21 -43.38 -9.54 17.47
N LYS B 22 -43.26 -8.22 17.56
CA LYS B 22 -44.32 -7.30 17.16
C LYS B 22 -44.33 -7.02 15.67
N GLY B 23 -43.60 -7.81 14.87
CA GLY B 23 -43.65 -7.72 13.43
C GLY B 23 -42.76 -6.69 12.78
N ILE B 24 -41.84 -6.08 13.51
CA ILE B 24 -40.99 -5.02 12.99
C ILE B 24 -39.55 -5.51 12.92
N ASN B 25 -38.89 -5.32 11.77
CA ASN B 25 -37.49 -5.67 11.62
C ASN B 25 -36.63 -4.47 12.01
N PRO B 26 -35.89 -4.53 13.12
CA PRO B 26 -34.98 -3.43 13.46
C PRO B 26 -33.67 -3.46 12.70
N TYR B 27 -33.43 -4.48 11.86
CA TYR B 27 -32.30 -4.50 10.94
C TYR B 27 -32.84 -4.74 9.52
N PRO B 28 -33.51 -3.74 8.94
CA PRO B 28 -34.08 -3.94 7.60
C PRO B 28 -32.99 -4.12 6.56
N HIS B 29 -33.40 -4.68 5.42
CA HIS B 29 -32.44 -5.08 4.40
C HIS B 29 -31.79 -3.88 3.72
N LYS B 30 -32.60 -2.97 3.17
CA LYS B 30 -32.07 -1.90 2.35
C LYS B 30 -32.88 -0.63 2.56
N PHE B 31 -32.18 0.49 2.65
CA PHE B 31 -32.77 1.81 2.64
C PHE B 31 -32.15 2.58 1.48
N GLU B 32 -32.99 3.30 0.72
CA GLU B 32 -32.55 3.94 -0.52
C GLU B 32 -32.20 5.41 -0.26
N ARG B 33 -30.99 5.63 0.23
CA ARG B 33 -30.51 6.99 0.47
C ARG B 33 -30.42 7.77 -0.84
N THR B 34 -30.77 9.06 -0.78
CA THR B 34 -30.74 9.93 -1.95
C THR B 34 -29.55 10.89 -1.96
N ILE B 35 -29.20 11.50 -0.81
CA ILE B 35 -27.93 12.21 -0.69
C ILE B 35 -27.32 11.92 0.69
N SER B 36 -26.03 12.21 0.80
CA SER B 36 -25.32 12.07 2.05
C SER B 36 -25.42 13.36 2.86
N ILE B 37 -25.04 13.27 4.13
CA ILE B 37 -25.07 14.45 4.99
C ILE B 37 -24.14 15.55 4.49
N PRO B 38 -22.88 15.28 4.10
CA PRO B 38 -22.05 16.36 3.55
C PRO B 38 -22.66 17.02 2.31
N GLU B 39 -23.28 16.23 1.44
CA GLU B 39 -24.00 16.81 0.30
C GLU B 39 -25.16 17.67 0.79
N PHE B 40 -25.88 17.19 1.80
CA PHE B 40 -27.00 17.94 2.35
C PHE B 40 -26.54 19.30 2.87
N ILE B 41 -25.47 19.31 3.68
CA ILE B 41 -25.02 20.55 4.31
C ILE B 41 -24.62 21.56 3.24
N GLU B 42 -23.97 21.08 2.18
CA GLU B 42 -23.46 21.98 1.14
C GLU B 42 -24.56 22.49 0.22
N LYS B 43 -25.66 21.75 0.08
CA LYS B 43 -26.73 22.15 -0.82
C LYS B 43 -27.81 23.02 -0.17
N TYR B 44 -27.81 23.17 1.17
CA TYR B 44 -28.87 23.93 1.80
C TYR B 44 -28.39 24.81 2.95
N LYS B 45 -27.08 25.08 3.05
CA LYS B 45 -26.56 25.84 4.19
C LYS B 45 -26.96 27.31 4.17
N ASP B 46 -27.47 27.81 3.04
CA ASP B 46 -27.67 29.25 2.90
C ASP B 46 -29.13 29.62 2.70
N LEU B 47 -30.03 29.07 3.51
CA LEU B 47 -31.43 29.49 3.52
C LEU B 47 -31.70 30.34 4.77
N GLY B 48 -32.93 30.88 4.85
CA GLY B 48 -33.27 31.80 5.92
C GLY B 48 -33.70 31.10 7.20
N ASN B 49 -33.64 31.84 8.30
CA ASN B 49 -33.97 31.29 9.61
C ASN B 49 -35.43 30.89 9.71
N GLY B 50 -35.68 29.59 9.80
CA GLY B 50 -37.04 29.08 9.81
C GLY B 50 -37.61 28.72 8.44
N GLU B 51 -36.83 28.89 7.37
CA GLU B 51 -37.32 28.59 6.03
C GLU B 51 -37.36 27.10 5.78
N HIS B 52 -38.49 26.62 5.25
CA HIS B 52 -38.67 25.23 4.87
C HIS B 52 -38.85 25.15 3.35
N LEU B 53 -38.22 24.16 2.73
CA LEU B 53 -38.55 23.75 1.36
C LEU B 53 -39.33 22.44 1.42
N GLU B 54 -40.61 22.54 1.82
CA GLU B 54 -41.42 21.35 2.09
C GLU B 54 -41.74 20.52 0.85
N ASP B 55 -41.29 20.92 -0.34
CA ASP B 55 -41.66 20.23 -1.56
C ASP B 55 -40.67 19.13 -1.96
N THR B 56 -39.40 19.26 -1.60
CA THR B 56 -38.40 18.26 -1.98
C THR B 56 -38.30 17.20 -0.89
N ILE B 57 -38.46 15.94 -1.26
CA ILE B 57 -38.34 14.83 -0.33
C ILE B 57 -36.99 14.17 -0.53
N LEU B 58 -36.37 13.76 0.58
CA LEU B 58 -35.04 13.17 0.56
C LEU B 58 -34.98 11.98 1.49
N ASN B 59 -34.07 11.06 1.20
CA ASN B 59 -33.83 9.90 2.04
C ASN B 59 -32.42 10.01 2.60
N ILE B 60 -32.32 10.32 3.90
CA ILE B 60 -31.05 10.54 4.57
C ILE B 60 -30.79 9.38 5.51
N THR B 61 -29.51 9.11 5.76
CA THR B 61 -29.11 8.19 6.82
C THR B 61 -28.13 8.89 7.75
N GLY B 62 -27.87 8.26 8.89
CA GLY B 62 -26.94 8.81 9.86
C GLY B 62 -27.12 8.12 11.21
N ARG B 63 -26.24 8.50 12.12
CA ARG B 63 -26.22 7.95 13.46
C ARG B 63 -26.72 9.02 14.42
N ILE B 64 -27.80 8.71 15.14
CA ILE B 64 -28.32 9.63 16.15
C ILE B 64 -27.28 9.76 17.25
N MET B 65 -26.87 10.99 17.53
CA MET B 65 -25.76 11.23 18.44
C MET B 65 -26.14 12.00 19.70
N ARG B 66 -27.38 12.48 19.80
CA ARG B 66 -27.88 13.05 21.04
C ARG B 66 -29.39 13.16 20.94
N VAL B 67 -30.07 12.85 22.05
CA VAL B 67 -31.53 12.76 22.11
C VAL B 67 -32.02 13.71 23.17
N SER B 68 -33.02 14.53 22.83
CA SER B 68 -33.61 15.44 23.78
C SER B 68 -35.13 15.46 23.62
N ALA B 69 -35.85 15.51 24.74
CA ALA B 69 -37.30 15.55 24.74
C ALA B 69 -37.82 16.98 24.87
N GLN B 72 -43.26 18.22 24.16
CA GLN B 72 -43.75 16.85 24.07
C GLN B 72 -43.97 16.45 22.62
N LYS B 73 -44.61 17.33 21.85
CA LYS B 73 -44.84 17.11 20.43
C LYS B 73 -43.67 17.55 19.56
N LEU B 74 -42.63 18.10 20.16
CA LEU B 74 -41.41 18.48 19.45
C LEU B 74 -40.26 17.64 19.99
N ARG B 75 -39.48 17.06 19.09
CA ARG B 75 -38.33 16.27 19.47
C ARG B 75 -37.15 16.61 18.59
N PHE B 76 -35.98 16.72 19.20
CA PHE B 76 -34.76 17.12 18.52
C PHE B 76 -33.73 16.01 18.64
N PHE B 77 -33.01 15.77 17.54
CA PHE B 77 -31.92 14.81 17.53
C PHE B 77 -30.74 15.42 16.78
N ASP B 78 -29.56 14.86 17.04
CA ASP B 78 -28.38 15.16 16.24
C ASP B 78 -28.11 13.99 15.31
N LEU B 79 -27.74 14.31 14.08
CA LEU B 79 -27.51 13.34 13.02
C LEU B 79 -26.12 13.51 12.43
N VAL B 80 -25.30 12.47 12.52
CA VAL B 80 -23.92 12.52 12.05
C VAL B 80 -23.73 11.52 10.93
N GLY B 81 -23.00 11.93 9.89
CA GLY B 81 -22.60 11.06 8.80
C GLY B 81 -21.40 11.62 8.04
N ASP B 82 -20.41 10.78 7.77
CA ASP B 82 -19.17 11.17 7.08
C ASP B 82 -18.48 12.33 7.79
N GLY B 83 -18.56 12.35 9.12
CA GLY B 83 -17.88 13.37 9.91
C GLY B 83 -18.62 14.68 10.09
N GLU B 84 -19.86 14.79 9.61
CA GLU B 84 -20.57 16.06 9.64
C GLU B 84 -21.95 15.89 10.27
N LYS B 85 -22.48 17.00 10.78
CA LYS B 85 -23.63 16.98 11.66
C LYS B 85 -24.72 17.92 11.19
N ILE B 86 -25.96 17.45 11.25
CA ILE B 86 -27.17 18.24 11.07
C ILE B 86 -28.12 17.90 12.20
N GLN B 87 -29.12 18.76 12.40
CA GLN B 87 -30.13 18.51 13.41
C GLN B 87 -31.34 17.84 12.77
N VAL B 88 -32.00 16.98 13.53
CA VAL B 88 -33.26 16.38 13.14
C VAL B 88 -34.34 17.00 14.00
N LEU B 89 -35.31 17.69 13.40
CA LEU B 89 -36.46 18.19 14.14
C LEU B 89 -37.61 17.26 13.79
N ALA B 90 -38.14 16.57 14.78
CA ALA B 90 -39.33 15.74 14.59
C ALA B 90 -40.55 16.50 15.12
N ASN B 91 -41.40 16.95 14.19
CA ASN B 91 -42.58 17.75 14.51
C ASN B 91 -43.83 16.90 14.30
N TYR B 92 -44.70 16.90 15.31
CA TYR B 92 -45.94 16.12 15.24
C TYR B 92 -46.75 16.42 13.98
N SER B 93 -46.68 17.67 13.49
CA SER B 93 -47.49 18.04 12.33
C SER B 93 -47.06 17.29 11.07
N PHE B 94 -45.75 17.18 10.81
CA PHE B 94 -45.30 16.55 9.57
C PHE B 94 -45.27 15.04 9.62
N HIS B 95 -45.40 14.45 10.80
CA HIS B 95 -45.28 13.00 10.92
C HIS B 95 -46.38 12.31 10.14
N ASN B 96 -46.02 11.26 9.42
CA ASN B 96 -46.97 10.44 8.68
C ASN B 96 -47.51 9.39 9.64
N HIS B 97 -48.75 9.56 10.09
CA HIS B 97 -49.34 8.63 11.03
C HIS B 97 -49.82 7.33 10.39
N GLU B 98 -49.81 7.25 9.05
CA GLU B 98 -50.10 5.99 8.40
C GLU B 98 -49.03 4.95 8.71
N LYS B 99 -47.78 5.39 8.88
CA LYS B 99 -46.69 4.48 9.22
C LYS B 99 -46.65 4.10 10.70
N GLY B 100 -47.25 4.90 11.57
CA GLY B 100 -47.33 4.56 12.97
C GLY B 100 -47.49 5.79 13.84
N ASN B 101 -47.44 5.55 15.15
CA ASN B 101 -47.64 6.59 16.14
C ASN B 101 -46.36 7.44 16.30
N PHE B 102 -46.57 8.75 16.46
CA PHE B 102 -45.43 9.67 16.56
C PHE B 102 -44.59 9.38 17.80
N ALA B 103 -45.26 9.17 18.95
CA ALA B 103 -44.55 9.07 20.22
C ALA B 103 -43.70 7.80 20.30
N GLU B 104 -44.26 6.65 19.92
CA GLU B 104 -43.52 5.40 20.08
C GLU B 104 -42.40 5.27 19.05
N CYS B 105 -42.56 5.88 17.87
CA CYS B 105 -41.48 5.88 16.89
C CYS B 105 -40.24 6.56 17.44
N TYR B 106 -40.40 7.73 18.05
CA TYR B 106 -39.26 8.52 18.49
C TYR B 106 -38.86 8.25 19.94
N ASP B 107 -39.75 7.65 20.74
CA ASP B 107 -39.37 7.26 22.10
C ASP B 107 -38.42 6.06 22.11
N LYS B 108 -38.54 5.18 21.11
CA LYS B 108 -37.65 4.02 21.05
C LYS B 108 -36.23 4.41 20.69
N ILE B 109 -36.02 5.61 20.15
CA ILE B 109 -34.72 6.02 19.62
C ILE B 109 -33.78 6.34 20.77
N ARG B 110 -32.58 5.76 20.73
CA ARG B 110 -31.55 6.01 21.72
C ARG B 110 -30.33 6.62 21.03
N ARG B 111 -29.48 7.26 21.83
CA ARG B 111 -28.24 7.79 21.29
C ARG B 111 -27.40 6.66 20.72
N GLY B 112 -26.95 6.83 19.48
CA GLY B 112 -26.15 5.84 18.79
C GLY B 112 -26.89 5.04 17.74
N ASP B 113 -28.23 5.06 17.75
CA ASP B 113 -28.99 4.33 16.76
C ASP B 113 -28.73 4.90 15.37
N ILE B 114 -28.63 4.01 14.38
CA ILE B 114 -28.49 4.40 12.98
C ILE B 114 -29.87 4.36 12.35
N VAL B 115 -30.26 5.46 11.69
CA VAL B 115 -31.62 5.65 11.22
C VAL B 115 -31.64 6.04 9.75
N GLY B 116 -32.77 5.75 9.11
CA GLY B 116 -33.11 6.28 7.79
C GLY B 116 -34.28 7.23 7.95
N ILE B 117 -34.22 8.35 7.23
CA ILE B 117 -35.21 9.42 7.37
C ILE B 117 -35.71 9.80 5.99
N VAL B 118 -37.04 9.92 5.85
CA VAL B 118 -37.68 10.42 4.64
C VAL B 118 -38.28 11.78 5.02
N GLY B 119 -37.62 12.86 4.60
CA GLY B 119 -38.05 14.17 4.99
C GLY B 119 -37.65 15.29 4.04
N PHE B 120 -37.80 16.53 4.48
CA PHE B 120 -37.50 17.68 3.65
C PHE B 120 -36.57 18.63 4.38
N PRO B 121 -35.74 19.38 3.64
CA PRO B 121 -34.72 20.22 4.28
C PRO B 121 -35.26 21.58 4.70
N GLY B 122 -34.59 22.16 5.68
CA GLY B 122 -34.96 23.48 6.15
C GLY B 122 -34.04 23.96 7.24
N LYS B 123 -34.42 25.10 7.82
CA LYS B 123 -33.65 25.77 8.86
C LYS B 123 -34.60 26.05 10.02
N SER B 124 -34.08 26.00 11.25
CA SER B 124 -34.99 26.10 12.38
C SER B 124 -35.33 27.55 12.70
N LYS B 125 -36.27 27.73 13.65
CA LYS B 125 -36.67 29.07 14.08
C LYS B 125 -35.51 29.81 14.74
N LYS B 126 -34.90 29.19 15.74
CA LYS B 126 -33.60 29.69 16.21
C LYS B 126 -32.55 29.73 15.11
N GLY B 127 -32.76 29.05 13.99
CA GLY B 127 -31.71 28.93 12.99
C GLY B 127 -30.73 27.81 13.22
N GLU B 128 -31.13 26.55 13.02
CA GLU B 128 -30.20 25.45 12.84
C GLU B 128 -30.63 24.66 11.62
N LEU B 129 -29.68 24.40 10.72
CA LEU B 129 -29.93 23.61 9.52
C LEU B 129 -30.37 22.20 9.90
N SER B 130 -31.54 21.79 9.41
CA SER B 130 -32.16 20.56 9.89
C SER B 130 -32.87 19.82 8.76
N ILE B 131 -33.05 18.52 8.99
CA ILE B 131 -33.89 17.67 8.15
C ILE B 131 -35.21 17.43 8.88
N PHE B 132 -36.32 17.56 8.14
CA PHE B 132 -37.66 17.51 8.72
C PHE B 132 -38.31 16.18 8.37
N PRO B 133 -38.18 15.16 9.21
CA PRO B 133 -38.70 13.84 8.84
C PRO B 133 -40.21 13.83 8.77
N LYS B 134 -40.72 12.99 7.87
CA LYS B 134 -42.09 12.50 7.94
C LYS B 134 -42.15 11.07 8.44
N GLU B 135 -41.15 10.26 8.10
CA GLU B 135 -40.99 8.91 8.62
C GLU B 135 -39.53 8.70 9.01
N THR B 136 -39.32 7.98 10.10
CA THR B 136 -38.00 7.56 10.51
C THR B 136 -38.01 6.07 10.79
N ILE B 137 -36.95 5.39 10.36
CA ILE B 137 -36.85 3.94 10.46
C ILE B 137 -35.53 3.61 11.15
N LEU B 138 -35.59 2.78 12.18
CA LEU B 138 -34.37 2.24 12.76
C LEU B 138 -33.68 1.32 11.76
N LEU B 139 -32.42 1.62 11.44
CA LEU B 139 -31.64 0.75 10.56
C LEU B 139 -30.74 -0.21 11.32
N SER B 140 -30.14 0.23 12.42
CA SER B 140 -29.24 -0.60 13.21
C SER B 140 -29.16 -0.02 14.61
N ALA B 141 -29.57 -0.80 15.62
CA ALA B 141 -29.61 -0.29 16.98
C ALA B 141 -28.22 -0.31 17.63
N CYS B 142 -27.96 0.69 18.45
CA CYS B 142 -26.77 0.73 19.29
C CYS B 142 -27.12 0.10 20.64
N LEU B 143 -26.76 -1.18 20.81
CA LEU B 143 -27.20 -1.93 21.99
C LEU B 143 -26.45 -1.54 23.26
N HIS B 144 -25.22 -1.04 23.13
CA HIS B 144 -24.50 -0.57 24.30
C HIS B 144 -24.69 0.94 24.46
N MET B 145 -24.24 1.46 25.59
CA MET B 145 -24.28 2.88 25.88
C MET B 145 -23.03 3.56 25.35
N LEU B 146 -23.20 4.59 24.53
CA LEU B 146 -22.05 5.37 24.07
C LEU B 146 -21.66 6.38 25.15
N PRO B 147 -20.38 6.50 25.47
CA PRO B 147 -19.95 7.51 26.44
C PRO B 147 -20.06 8.90 25.83
N MET B 148 -19.86 9.91 26.67
CA MET B 148 -19.59 11.25 26.16
C MET B 148 -18.09 11.39 25.95
N LYS B 149 -17.64 12.60 25.61
CA LYS B 149 -16.24 12.76 25.19
C LYS B 149 -15.27 12.38 26.28
N TYR B 150 -15.58 12.74 27.54
CA TYR B 150 -14.61 12.60 28.62
C TYR B 150 -14.17 11.16 28.84
N GLY B 151 -15.03 10.19 28.53
CA GLY B 151 -14.73 8.81 28.86
C GLY B 151 -13.46 8.31 28.20
N LEU B 152 -13.19 8.76 26.98
CA LEU B 152 -12.02 8.32 26.22
C LEU B 152 -10.91 9.38 26.27
N LYS B 153 -10.38 9.59 27.47
CA LYS B 153 -9.21 10.44 27.63
C LYS B 153 -8.01 9.69 28.18
N ASP B 154 -8.10 9.10 29.36
CA ASP B 154 -6.98 8.44 29.99
C ASP B 154 -6.98 6.92 29.80
N THR B 155 -8.14 6.34 29.53
CA THR B 155 -8.23 4.91 29.25
C THR B 155 -7.75 4.62 27.84
N GLU B 156 -7.26 3.40 27.63
CA GLU B 156 -6.80 2.93 26.34
C GLU B 156 -7.92 2.30 25.53
N ILE B 157 -9.17 2.71 25.77
CA ILE B 157 -10.30 2.26 24.96
C ILE B 157 -10.18 2.80 23.54
N ARG B 158 -9.61 4.00 23.38
CA ARG B 158 -9.40 4.57 22.05
C ARG B 158 -8.64 3.61 21.16
N TYR B 159 -7.73 2.83 21.73
CA TYR B 159 -6.90 1.92 20.96
C TYR B 159 -7.53 0.54 20.82
N ARG B 160 -8.15 0.03 21.88
CA ARG B 160 -8.84 -1.25 21.78
C ARG B 160 -10.09 -1.15 20.90
N GLN B 161 -10.93 -0.14 21.14
CA GLN B 161 -12.14 0.06 20.33
C GLN B 161 -12.00 1.41 19.62
N ARG B 162 -11.28 1.39 18.49
CA ARG B 162 -11.04 2.63 17.77
C ARG B 162 -12.32 3.20 17.17
N TYR B 163 -13.33 2.37 16.93
CA TYR B 163 -14.58 2.89 16.39
C TYR B 163 -15.28 3.82 17.38
N LEU B 164 -15.18 3.54 18.68
CA LEU B 164 -15.71 4.49 19.66
C LEU B 164 -14.98 5.82 19.59
N ASP B 165 -13.65 5.78 19.45
CA ASP B 165 -12.86 7.01 19.35
C ASP B 165 -13.27 7.83 18.13
N LEU B 166 -13.49 7.16 16.99
CA LEU B 166 -13.86 7.88 15.77
C LEU B 166 -15.29 8.41 15.81
N LEU B 167 -16.16 7.84 16.65
CA LEU B 167 -17.52 8.36 16.77
C LEU B 167 -17.62 9.52 17.74
N ILE B 168 -16.79 9.51 18.79
CA ILE B 168 -16.93 10.42 19.91
C ILE B 168 -16.02 11.64 19.80
N ASN B 169 -14.75 11.44 19.43
CA ASN B 169 -13.76 12.53 19.41
C ASN B 169 -13.52 12.98 17.98
N GLU B 170 -13.80 14.26 17.70
CA GLU B 170 -13.65 14.76 16.33
C GLU B 170 -12.19 14.80 15.90
N SER B 171 -11.26 15.02 16.84
CA SER B 171 -9.85 15.08 16.48
C SER B 171 -9.35 13.77 15.92
N SER B 172 -9.93 12.65 16.38
CA SER B 172 -9.45 11.34 15.94
C SER B 172 -9.65 11.16 14.44
N ARG B 173 -10.84 11.51 13.94
CA ARG B 173 -11.10 11.35 12.52
C ARG B 173 -10.16 12.24 11.70
N HIS B 174 -9.99 13.50 12.11
CA HIS B 174 -9.13 14.42 11.38
C HIS B 174 -7.71 13.89 11.29
N THR B 175 -7.21 13.32 12.41
CA THR B 175 -5.90 12.69 12.41
C THR B 175 -5.75 11.67 11.29
N PHE B 176 -6.70 10.73 11.20
CA PHE B 176 -6.55 9.63 10.24
C PHE B 176 -6.90 10.05 8.83
N VAL B 177 -7.73 11.08 8.65
CA VAL B 177 -7.87 11.72 7.34
C VAL B 177 -6.53 12.35 6.91
N THR B 178 -5.91 13.10 7.82
CA THR B 178 -4.62 13.70 7.50
C THR B 178 -3.59 12.63 7.15
N ARG B 179 -3.63 11.49 7.85
CA ARG B 179 -2.73 10.38 7.52
C ARG B 179 -2.88 9.96 6.06
N THR B 180 -4.13 9.74 5.62
CA THR B 180 -4.35 9.32 4.24
C THR B 180 -3.91 10.40 3.24
N LYS B 181 -4.16 11.68 3.56
CA LYS B 181 -3.74 12.75 2.65
C LYS B 181 -2.23 12.83 2.54
N ILE B 182 -1.52 12.55 3.64
CA ILE B 182 -0.06 12.55 3.61
C ILE B 182 0.45 11.51 2.64
N ILE B 183 -0.10 10.30 2.72
CA ILE B 183 0.36 9.23 1.84
C ILE B 183 -0.06 9.50 0.41
N ASN B 184 -1.28 10.01 0.19
CA ASN B 184 -1.70 10.38 -1.16
C ASN B 184 -0.75 11.41 -1.77
N PHE B 185 -0.34 12.41 -0.99
CA PHE B 185 0.56 13.42 -1.51
C PHE B 185 1.92 12.82 -1.85
N LEU B 186 2.42 11.91 -1.00
CA LEU B 186 3.70 11.26 -1.27
C LEU B 186 3.66 10.49 -2.58
N ARG B 187 2.60 9.70 -2.79
CA ARG B 187 2.48 8.92 -4.02
C ARG B 187 2.38 9.82 -5.25
N ASN B 188 1.53 10.83 -5.17
CA ASN B 188 1.40 11.76 -6.29
C ASN B 188 2.69 12.55 -6.51
N PHE B 189 3.36 12.95 -5.43
CA PHE B 189 4.63 13.66 -5.55
C PHE B 189 5.67 12.80 -6.27
N LEU B 190 5.82 11.55 -5.84
CA LEU B 190 6.80 10.66 -6.47
C LEU B 190 6.42 10.35 -7.91
N ASN B 191 5.12 10.10 -8.17
CA ASN B 191 4.70 9.72 -9.52
C ASN B 191 4.92 10.85 -10.51
N GLU B 192 4.79 12.09 -10.06
CA GLU B 192 4.97 13.24 -10.96
C GLU B 192 6.44 13.44 -11.31
N ARG B 193 7.35 12.95 -10.50
CA ARG B 193 8.76 12.98 -10.83
C ARG B 193 9.21 11.72 -11.55
N GLY B 194 8.26 10.93 -12.06
CA GLY B 194 8.59 9.77 -12.86
C GLY B 194 8.94 8.51 -12.09
N PHE B 195 8.66 8.45 -10.79
CA PHE B 195 8.94 7.25 -10.03
C PHE B 195 7.91 6.16 -10.30
N PHE B 196 8.34 4.91 -10.18
CA PHE B 196 7.51 3.74 -10.49
C PHE B 196 7.30 2.92 -9.22
N GLU B 197 6.04 2.73 -8.83
CA GLU B 197 5.73 2.03 -7.59
C GLU B 197 5.65 0.52 -7.83
N VAL B 198 6.25 -0.25 -6.91
CA VAL B 198 6.30 -1.70 -7.05
C VAL B 198 5.97 -2.36 -5.71
N GLU B 199 5.76 -3.66 -5.77
CA GLU B 199 5.53 -4.49 -4.60
C GLU B 199 6.63 -5.52 -4.51
N THR B 200 7.22 -5.65 -3.33
CA THR B 200 8.34 -6.48 -2.96
C THR B 200 7.92 -7.46 -1.89
N PRO B 201 8.48 -8.68 -1.88
CA PRO B 201 7.98 -9.71 -0.96
C PRO B 201 8.11 -9.26 0.48
N MET B 202 7.14 -9.64 1.29
CA MET B 202 7.24 -9.35 2.70
C MET B 202 7.94 -10.46 3.47
N MET B 203 8.18 -11.60 2.83
CA MET B 203 8.89 -12.72 3.43
C MET B 203 10.06 -13.12 2.54
N ASN B 204 11.21 -13.38 3.15
CA ASN B 204 12.40 -13.81 2.41
C ASN B 204 13.18 -14.80 3.27
N LEU B 205 14.28 -15.26 2.74
CA LEU B 205 14.98 -16.32 3.42
C LEU B 205 16.13 -15.84 4.25
N ILE B 206 16.40 -14.56 4.17
CA ILE B 206 17.54 -14.05 4.87
C ILE B 206 17.21 -12.76 5.57
N ALA B 207 17.22 -12.77 6.89
CA ALA B 207 17.00 -11.55 7.65
C ALA B 207 17.12 -11.81 9.14
N ASN B 211 21.45 -6.17 12.95
CA ASN B 211 20.62 -4.98 13.00
C ASN B 211 19.52 -5.15 14.02
N ALA B 212 18.37 -5.62 13.55
CA ALA B 212 17.27 -5.86 14.46
C ALA B 212 16.75 -7.27 14.28
N ARG B 213 16.32 -7.87 15.37
CA ARG B 213 15.80 -9.21 15.30
C ARG B 213 14.65 -9.27 14.33
N PRO B 214 14.51 -10.41 13.70
CA PRO B 214 13.46 -10.58 12.69
C PRO B 214 12.20 -11.19 13.29
N PHE B 215 11.08 -10.95 12.62
CA PHE B 215 9.91 -11.81 12.79
C PHE B 215 10.13 -13.08 11.99
N ILE B 216 9.92 -14.23 12.63
CA ILE B 216 10.18 -15.54 12.05
C ILE B 216 8.87 -16.28 11.86
N THR B 217 8.71 -16.93 10.71
CA THR B 217 7.51 -17.73 10.47
C THR B 217 7.89 -18.92 9.59
N HIS B 218 7.03 -19.92 9.58
CA HIS B 218 7.30 -21.11 8.80
C HIS B 218 6.28 -21.33 7.72
N HIS B 219 6.75 -21.68 6.54
CA HIS B 219 5.84 -22.00 5.46
C HIS B 219 5.64 -23.48 5.46
N ASN B 220 4.39 -23.90 5.59
CA ASN B 220 4.11 -25.30 5.67
C ASN B 220 4.47 -26.02 4.40
N ASP B 221 4.17 -25.41 3.26
CA ASP B 221 4.42 -26.06 2.00
C ASP B 221 5.86 -26.42 1.76
N LEU B 222 6.74 -25.44 1.84
CA LEU B 222 8.14 -25.67 1.55
C LEU B 222 8.95 -26.05 2.77
N ASP B 223 8.29 -26.26 3.89
CA ASP B 223 8.98 -26.68 5.10
C ASP B 223 10.24 -25.86 5.28
N LEU B 224 10.09 -24.55 5.30
CA LEU B 224 11.23 -23.69 5.50
C LEU B 224 10.86 -22.51 6.36
N ASP B 225 11.79 -22.07 7.19
CA ASP B 225 11.55 -20.90 8.01
C ASP B 225 11.80 -19.64 7.20
N LEU B 226 10.88 -18.68 7.31
CA LEU B 226 10.92 -17.42 6.57
C LEU B 226 10.98 -16.26 7.53
N TYR B 227 11.39 -15.11 7.01
CA TYR B 227 11.58 -13.91 7.82
C TYR B 227 10.78 -12.76 7.23
N LEU B 228 10.02 -12.06 8.08
CA LEU B 228 9.42 -10.80 7.66
C LEU B 228 10.51 -9.78 7.35
N ARG B 229 10.29 -8.97 6.31
CA ARG B 229 11.30 -8.00 5.89
C ARG B 229 11.49 -6.92 6.96
N ILE B 230 12.75 -6.51 7.15
CA ILE B 230 13.05 -5.35 7.98
C ILE B 230 13.12 -4.07 7.14
N ALA B 231 13.24 -4.19 5.83
CA ALA B 231 13.35 -3.05 4.93
C ALA B 231 13.11 -3.57 3.52
N THR B 232 12.96 -2.64 2.58
CA THR B 232 12.79 -2.98 1.18
C THR B 232 14.01 -2.64 0.35
N GLU B 233 15.14 -2.35 1.00
CA GLU B 233 16.31 -1.83 0.29
C GLU B 233 16.76 -2.78 -0.81
N LEU B 234 17.01 -4.04 -0.46
CA LEU B 234 17.66 -4.96 -1.40
C LEU B 234 16.84 -5.19 -2.67
N PRO B 235 15.56 -5.57 -2.61
CA PRO B 235 14.84 -5.81 -3.88
C PRO B 235 14.76 -4.56 -4.75
N LEU B 236 14.64 -3.37 -4.15
CA LEU B 236 14.52 -2.17 -4.96
C LEU B 236 15.83 -1.88 -5.71
N LYS B 237 16.98 -2.14 -5.06
CA LYS B 237 18.25 -1.96 -5.75
C LYS B 237 18.39 -2.93 -6.93
N MET B 238 17.89 -4.15 -6.79
CA MET B 238 17.91 -5.07 -7.93
C MET B 238 17.04 -4.58 -9.08
N LEU B 239 15.94 -3.88 -8.79
CA LEU B 239 15.15 -3.31 -9.89
C LEU B 239 15.90 -2.19 -10.60
N ILE B 240 16.72 -1.44 -9.86
CA ILE B 240 17.59 -0.45 -10.50
C ILE B 240 18.53 -1.14 -11.48
N VAL B 241 19.18 -2.23 -11.03
CA VAL B 241 19.96 -3.04 -11.97
C VAL B 241 19.09 -3.47 -13.15
N GLY B 242 17.84 -3.86 -12.86
CA GLY B 242 16.93 -4.27 -13.91
C GLY B 242 16.51 -3.17 -14.86
N GLY B 243 16.86 -1.91 -14.58
CA GLY B 243 16.53 -0.81 -15.47
C GLY B 243 15.31 0.01 -15.09
N ILE B 244 14.73 -0.20 -13.90
CA ILE B 244 13.69 0.69 -13.39
C ILE B 244 14.45 1.76 -12.61
N ASP B 245 14.81 2.85 -13.31
CA ASP B 245 15.76 3.82 -12.80
C ASP B 245 15.23 4.66 -11.64
N LYS B 246 13.91 4.75 -11.50
CA LYS B 246 13.30 5.45 -10.37
C LYS B 246 12.16 4.58 -9.86
N VAL B 247 12.31 4.06 -8.65
CA VAL B 247 11.45 2.99 -8.16
C VAL B 247 11.23 3.21 -6.68
N TYR B 248 10.04 2.88 -6.19
CA TYR B 248 9.72 3.04 -4.78
C TYR B 248 8.67 2.04 -4.36
N GLU B 249 8.50 1.91 -3.05
CA GLU B 249 7.47 1.08 -2.45
C GLU B 249 7.06 1.74 -1.14
N ILE B 250 5.76 1.82 -0.91
CA ILE B 250 5.19 2.24 0.36
C ILE B 250 4.53 1.02 0.98
N GLY B 251 4.88 0.71 2.21
CA GLY B 251 4.34 -0.49 2.82
C GLY B 251 4.97 -0.75 4.17
N LYS B 252 4.51 -1.85 4.77
CA LYS B 252 4.92 -2.18 6.12
C LYS B 252 6.25 -2.93 6.12
N VAL B 253 7.09 -2.62 7.11
CA VAL B 253 8.27 -3.39 7.44
C VAL B 253 8.16 -3.76 8.91
N PHE B 254 9.02 -4.69 9.34
CA PHE B 254 8.88 -5.32 10.65
C PHE B 254 10.23 -5.42 11.33
N ARG B 255 10.30 -4.90 12.54
CA ARG B 255 11.49 -5.00 13.38
C ARG B 255 11.04 -5.53 14.74
N ASN B 256 11.49 -6.72 15.10
CA ASN B 256 10.99 -7.42 16.28
C ASN B 256 11.73 -6.95 17.52
N GLU B 257 11.50 -5.67 17.84
CA GLU B 257 12.15 -5.02 18.99
C GLU B 257 11.12 -4.35 19.89
N GLY B 258 11.60 -3.53 20.83
CA GLY B 258 10.74 -3.04 21.90
C GLY B 258 9.86 -1.87 21.45
N ILE B 259 8.64 -1.87 21.96
CA ILE B 259 7.66 -0.80 21.68
C ILE B 259 7.98 0.42 22.52
N ASP B 260 7.92 1.59 21.92
CA ASP B 260 7.88 2.86 22.64
C ASP B 260 7.11 3.88 21.81
N ASN B 261 7.18 5.15 22.23
CA ASN B 261 6.36 6.20 21.65
C ASN B 261 6.70 6.50 20.19
N THR B 262 7.93 6.19 19.73
CA THR B 262 8.29 6.42 18.35
C THR B 262 8.76 5.16 17.64
N HIS B 263 8.65 3.99 18.28
CA HIS B 263 9.01 2.73 17.66
C HIS B 263 7.85 1.76 17.78
N ASN B 264 7.28 1.35 16.65
CA ASN B 264 6.38 0.22 16.61
C ASN B 264 6.97 -0.90 15.78
N PRO B 265 6.89 -2.15 16.24
CA PRO B 265 7.54 -3.26 15.50
C PRO B 265 7.05 -3.40 14.08
N GLU B 266 5.77 -3.13 13.83
CA GLU B 266 5.23 -3.05 12.48
C GLU B 266 4.98 -1.57 12.19
N PHE B 267 5.58 -1.05 11.13
CA PHE B 267 5.42 0.37 10.81
C PHE B 267 5.53 0.58 9.32
N THR B 268 5.06 1.74 8.87
CA THR B 268 4.92 2.02 7.44
C THR B 268 6.10 2.82 6.91
N SER B 269 6.81 2.24 5.95
CA SER B 269 7.97 2.87 5.35
C SER B 269 7.70 3.17 3.88
N CYS B 270 8.30 4.27 3.41
CA CYS B 270 8.49 4.51 1.99
C CYS B 270 9.98 4.53 1.75
N GLU B 271 10.44 3.81 0.73
CA GLU B 271 11.82 3.85 0.28
C GLU B 271 11.80 4.02 -1.22
N PHE B 272 12.69 4.86 -1.75
CA PHE B 272 12.89 4.91 -3.19
C PHE B 272 14.37 4.78 -3.47
N TYR B 273 14.67 4.38 -4.70
CA TYR B 273 15.99 4.51 -5.27
C TYR B 273 15.88 5.22 -6.59
N TRP B 274 16.88 6.08 -6.85
CA TRP B 274 16.88 7.05 -7.93
C TRP B 274 18.22 6.94 -8.64
N ALA B 275 18.23 6.25 -9.78
CA ALA B 275 19.46 6.12 -10.55
C ALA B 275 20.01 7.49 -10.95
N TYR B 276 21.32 7.66 -10.75
CA TYR B 276 22.12 8.83 -11.13
C TYR B 276 21.87 10.04 -10.23
N ALA B 277 21.11 9.91 -9.15
CA ALA B 277 20.99 11.02 -8.19
C ALA B 277 22.28 11.19 -7.41
N ASP B 278 22.62 12.44 -7.10
CA ASP B 278 23.75 12.72 -6.21
C ASP B 278 23.22 13.25 -4.88
N TYR B 279 24.16 13.56 -3.98
CA TYR B 279 23.81 14.03 -2.65
C TYR B 279 22.92 15.26 -2.71
N ASN B 280 23.23 16.19 -3.61
CA ASN B 280 22.42 17.40 -3.74
C ASN B 280 21.00 17.06 -4.20
N ASP B 281 20.85 16.11 -5.13
CA ASP B 281 19.51 15.73 -5.56
C ASP B 281 18.66 15.26 -4.38
N LEU B 282 19.25 14.43 -3.52
CA LEU B 282 18.54 13.90 -2.34
C LEU B 282 18.21 15.02 -1.35
N ILE B 283 19.14 15.95 -1.13
CA ILE B 283 18.87 17.10 -0.26
C ILE B 283 17.71 17.91 -0.81
N LYS B 284 17.71 18.18 -2.12
CA LYS B 284 16.65 19.00 -2.71
C LYS B 284 15.31 18.28 -2.68
N TRP B 285 15.30 16.98 -2.98
CA TRP B 285 14.05 16.21 -2.91
C TRP B 285 13.42 16.32 -1.52
N SER B 286 14.24 16.14 -0.48
CA SER B 286 13.71 16.17 0.88
C SER B 286 13.13 17.53 1.22
N GLU B 287 13.86 18.59 0.90
CA GLU B 287 13.38 19.94 1.20
C GLU B 287 12.13 20.29 0.40
N ASP B 288 12.08 19.87 -0.87
CA ASP B 288 10.88 20.09 -1.66
C ASP B 288 9.71 19.30 -1.07
N PHE B 289 9.94 18.03 -0.75
CA PHE B 289 8.83 17.18 -0.29
C PHE B 289 8.22 17.76 0.97
N PHE B 290 9.03 18.01 1.99
CA PHE B 290 8.48 18.41 3.28
C PHE B 290 7.85 19.81 3.22
N SER B 291 8.51 20.76 2.55
CA SER B 291 7.96 22.10 2.48
C SER B 291 6.65 22.10 1.70
N GLN B 292 6.59 21.33 0.61
CA GLN B 292 5.37 21.29 -0.18
C GLN B 292 4.27 20.48 0.52
N LEU B 293 4.64 19.40 1.21
CA LEU B 293 3.64 18.63 1.94
C LEU B 293 2.95 19.48 2.99
N VAL B 294 3.73 20.26 3.74
CA VAL B 294 3.17 21.06 4.82
C VAL B 294 2.29 22.17 4.26
N TYR B 295 2.71 22.78 3.15
CA TYR B 295 1.87 23.79 2.51
C TYR B 295 0.58 23.20 2.00
N HIS B 296 0.64 21.99 1.42
CA HIS B 296 -0.56 21.34 0.89
C HIS B 296 -1.58 21.07 1.97
N LEU B 297 -1.13 20.83 3.21
CA LEU B 297 -2.02 20.50 4.32
C LEU B 297 -2.50 21.74 5.07
N PHE B 298 -1.64 22.74 5.23
CA PHE B 298 -1.92 23.82 6.16
C PHE B 298 -1.95 25.19 5.53
N GLY B 299 -1.58 25.33 4.26
CA GLY B 299 -1.56 26.66 3.66
C GLY B 299 -0.43 27.56 4.13
N THR B 300 0.50 27.03 4.93
CA THR B 300 1.64 27.77 5.44
C THR B 300 2.77 26.80 5.72
N TYR B 301 3.98 27.32 5.84
CA TYR B 301 5.13 26.48 6.16
C TYR B 301 5.30 26.28 7.66
N LYS B 302 4.55 27.00 8.48
CA LYS B 302 4.75 27.05 9.93
C LYS B 302 3.61 26.33 10.62
N ILE B 303 3.96 25.35 11.46
CA ILE B 303 2.99 24.60 12.25
C ILE B 303 3.42 24.66 13.71
N SER B 304 2.46 24.41 14.58
CA SER B 304 2.71 24.31 16.01
C SER B 304 2.60 22.86 16.44
N TYR B 305 3.49 22.46 17.35
CA TYR B 305 3.56 21.08 17.82
C TYR B 305 3.78 21.09 19.33
N ASN B 306 2.95 20.33 20.05
CA ASN B 306 3.07 20.23 21.51
C ASN B 306 4.17 19.22 21.81
N LYS B 307 5.42 19.71 21.85
CA LYS B 307 6.57 18.85 22.03
C LYS B 307 6.54 18.10 23.36
N ASP B 308 5.84 18.64 24.36
CA ASP B 308 5.82 18.06 25.69
C ASP B 308 4.38 17.85 26.15
N GLY B 309 3.49 17.51 25.22
CA GLY B 309 2.13 17.15 25.56
C GLY B 309 1.16 18.30 25.47
N PRO B 310 -0.14 17.98 25.40
CA PRO B 310 -1.15 19.03 25.23
C PRO B 310 -1.35 19.85 26.49
N GLU B 311 -0.89 19.35 27.64
CA GLU B 311 -0.94 20.09 28.89
C GLU B 311 -0.05 21.33 28.88
N ASN B 312 0.73 21.52 27.82
CA ASN B 312 1.78 22.54 27.80
C ASN B 312 1.67 23.37 26.53
N GLN B 313 2.41 24.47 26.52
CA GLN B 313 2.43 25.35 25.37
C GLN B 313 3.22 24.70 24.22
N PRO B 314 2.75 24.83 22.99
CA PRO B 314 3.45 24.23 21.86
C PRO B 314 4.61 25.10 21.38
N ILE B 315 5.48 24.46 20.60
CA ILE B 315 6.55 25.14 19.90
C ILE B 315 6.17 25.25 18.44
N GLU B 316 6.82 26.16 17.72
CA GLU B 316 6.55 26.38 16.30
C GLU B 316 7.68 25.76 15.49
N ILE B 317 7.33 24.98 14.48
CA ILE B 317 8.30 24.42 13.55
C ILE B 317 8.07 25.07 12.20
N ASP B 318 9.13 25.68 11.65
CA ASP B 318 9.09 26.32 10.36
C ASP B 318 9.65 25.36 9.32
N PHE B 319 8.85 25.06 8.28
CA PHE B 319 9.28 24.17 7.22
C PHE B 319 9.75 24.91 5.98
N THR B 320 9.93 26.22 6.04
CA THR B 320 10.43 26.97 4.90
C THR B 320 11.84 26.52 4.55
N PRO B 321 12.08 26.00 3.34
CA PRO B 321 13.42 25.59 2.95
C PRO B 321 14.27 26.82 2.68
N PRO B 322 15.61 26.69 2.71
CA PRO B 322 16.41 25.48 2.96
C PRO B 322 16.52 25.16 4.45
N TYR B 323 17.00 23.97 4.81
CA TYR B 323 17.15 23.57 6.21
C TYR B 323 18.63 23.43 6.55
N PRO B 324 19.02 23.68 7.80
CA PRO B 324 20.44 23.57 8.16
C PRO B 324 20.99 22.16 7.96
N LYS B 325 22.27 22.10 7.57
CA LYS B 325 23.00 20.86 7.44
C LYS B 325 24.13 20.86 8.48
N VAL B 326 24.17 19.83 9.31
CA VAL B 326 25.15 19.71 10.38
C VAL B 326 25.97 18.45 10.15
N SER B 327 27.28 18.61 10.06
CA SER B 327 28.19 17.49 9.86
C SER B 327 28.46 16.82 11.21
N ILE B 328 28.15 15.53 11.31
CA ILE B 328 28.05 14.89 12.63
C ILE B 328 29.40 14.88 13.36
N VAL B 329 30.45 14.41 12.69
CA VAL B 329 31.74 14.28 13.38
C VAL B 329 32.28 15.66 13.75
N GLU B 330 32.21 16.60 12.81
CA GLU B 330 32.71 17.95 13.05
C GLU B 330 31.93 18.67 14.14
N GLU B 331 30.64 18.36 14.27
CA GLU B 331 29.83 19.05 15.29
C GLU B 331 29.97 18.42 16.66
N ILE B 332 30.11 17.10 16.74
CA ILE B 332 30.42 16.46 18.02
C ILE B 332 31.72 17.02 18.59
N GLU B 333 32.74 17.15 17.74
CA GLU B 333 33.99 17.75 18.18
C GLU B 333 33.79 19.19 18.64
N LYS B 334 32.94 19.94 17.93
CA LYS B 334 32.75 21.36 18.25
C LYS B 334 32.18 21.55 19.64
N VAL B 335 31.12 20.80 19.99
CA VAL B 335 30.47 21.01 21.28
C VAL B 335 31.12 20.22 22.41
N THR B 336 32.11 19.38 22.12
CA THR B 336 32.83 18.66 23.16
C THR B 336 34.31 19.00 23.25
N ASN B 337 34.81 19.92 22.39
CA ASN B 337 36.21 20.36 22.43
C ASN B 337 37.18 19.19 22.35
N THR B 338 36.85 18.22 21.48
CA THR B 338 37.64 17.02 21.30
C THR B 338 37.98 16.88 19.82
N ILE B 339 39.02 16.12 19.51
CA ILE B 339 39.37 15.77 18.14
C ILE B 339 39.22 14.25 18.02
N LEU B 340 38.16 13.81 17.36
CA LEU B 340 38.04 12.39 17.06
C LEU B 340 39.00 12.03 15.94
N GLU B 341 39.60 10.84 16.05
CA GLU B 341 40.76 10.52 15.23
C GLU B 341 40.34 10.16 13.81
N GLN B 342 41.32 9.71 13.01
CA GLN B 342 41.06 9.25 11.65
C GLN B 342 40.44 7.85 11.67
N PRO B 343 41.03 6.84 12.33
CA PRO B 343 40.29 5.58 12.49
C PRO B 343 39.31 5.68 13.63
N PHE B 344 38.02 5.82 13.34
CA PHE B 344 37.05 5.98 14.43
C PHE B 344 36.86 4.70 15.23
N ASP B 345 37.38 3.57 14.74
CA ASP B 345 37.35 2.32 15.49
C ASP B 345 38.69 2.02 16.16
N SER B 346 39.63 2.97 16.16
CA SER B 346 40.90 2.77 16.83
C SER B 346 40.72 2.79 18.33
N ASN B 347 41.48 1.93 19.03
CA ASN B 347 41.36 1.80 20.48
C ASN B 347 41.46 3.15 21.18
N GLU B 348 42.38 4.01 20.72
CA GLU B 348 42.51 5.34 21.30
C GLU B 348 41.26 6.18 21.02
N THR B 349 40.73 6.13 19.79
CA THR B 349 39.53 6.88 19.47
C THR B 349 38.31 6.33 20.22
N ILE B 350 38.18 5.00 20.30
CA ILE B 350 37.12 4.46 21.13
C ILE B 350 37.25 4.97 22.55
N GLU B 351 38.45 4.85 23.14
CA GLU B 351 38.65 5.25 24.52
C GLU B 351 38.21 6.69 24.74
N LYS B 352 38.60 7.59 23.84
CA LYS B 352 38.16 8.99 23.97
C LYS B 352 36.65 9.08 23.99
N MET B 353 35.98 8.43 23.03
CA MET B 353 34.53 8.47 22.96
C MET B 353 33.89 7.90 24.24
N ILE B 354 34.40 6.77 24.74
CA ILE B 354 33.85 6.21 25.98
C ILE B 354 34.01 7.18 27.14
N ASN B 355 35.15 7.88 27.23
CA ASN B 355 35.35 8.80 28.34
C ASN B 355 34.42 10.00 28.28
N ILE B 356 34.05 10.45 27.06
CA ILE B 356 33.10 11.56 26.93
C ILE B 356 31.76 11.19 27.53
N ILE B 357 31.35 9.93 27.39
CA ILE B 357 30.06 9.49 27.93
C ILE B 357 30.01 9.71 29.44
N LYS B 358 31.04 9.23 30.15
CA LYS B 358 31.00 9.28 31.61
C LYS B 358 31.05 10.72 32.12
N GLU B 359 31.93 11.55 31.56
CA GLU B 359 32.06 12.92 32.05
C GLU B 359 30.76 13.70 31.87
N HIS B 360 30.05 13.41 30.80
CA HIS B 360 28.75 14.04 30.59
C HIS B 360 27.67 13.19 31.22
N LYS B 361 28.04 12.00 31.71
CA LYS B 361 27.09 11.12 32.39
C LYS B 361 26.01 10.67 31.45
N ILE B 362 26.39 9.89 30.45
CA ILE B 362 25.43 9.45 29.45
C ILE B 362 25.29 7.95 29.46
N GLU B 363 24.08 7.47 29.25
CA GLU B 363 23.86 6.05 29.23
C GLU B 363 24.92 5.42 28.37
N LEU B 364 25.71 4.54 28.94
CA LEU B 364 26.69 3.83 28.15
C LEU B 364 26.02 3.02 27.07
N PRO B 365 26.72 2.81 25.94
CA PRO B 365 26.12 2.12 24.80
C PRO B 365 26.52 0.67 24.73
N ASN B 366 26.92 0.08 25.83
CA ASN B 366 27.23 -1.33 25.81
C ASN B 366 26.08 -2.16 25.18
N PRO B 367 26.39 -2.98 24.18
CA PRO B 367 27.76 -3.26 23.73
C PRO B 367 28.33 -1.99 23.18
N PRO B 368 29.39 -1.48 23.82
CA PRO B 368 29.92 -0.18 23.40
C PRO B 368 30.70 -0.25 22.09
N THR B 369 30.11 0.23 21.01
CA THR B 369 30.77 0.17 19.71
C THR B 369 30.92 1.56 19.11
N ALA B 370 31.95 1.71 18.31
CA ALA B 370 32.24 3.01 17.73
C ALA B 370 30.98 3.58 17.14
N ALA B 371 30.26 2.76 16.39
CA ALA B 371 29.05 3.20 15.77
C ALA B 371 28.02 3.67 16.77
N LYS B 372 27.77 2.88 17.79
CA LYS B 372 26.72 3.23 18.74
C LYS B 372 27.08 4.39 19.63
N LEU B 373 28.36 4.52 19.94
CA LEU B 373 28.79 5.66 20.73
C LEU B 373 28.66 6.88 19.88
N LEU B 374 29.05 6.75 18.62
CA LEU B 374 28.91 7.87 17.70
C LEU B 374 27.45 8.22 17.68
N ASP B 375 26.63 7.20 17.55
CA ASP B 375 25.21 7.42 17.55
C ASP B 375 24.80 8.07 18.86
N GLN B 376 25.31 7.52 19.95
CA GLN B 376 24.94 8.03 21.26
C GLN B 376 25.30 9.48 21.45
N LEU B 377 26.51 9.83 21.05
CA LEU B 377 26.94 11.20 21.20
C LEU B 377 26.03 12.10 20.42
N ALA B 378 25.71 11.69 19.20
CA ALA B 378 24.89 12.52 18.36
C ALA B 378 23.56 12.66 19.01
N SER B 379 23.08 11.57 19.56
CA SER B 379 21.80 11.59 20.20
C SER B 379 21.76 12.70 21.21
N HIS B 380 22.77 12.76 22.05
CA HIS B 380 22.76 13.74 23.12
C HIS B 380 23.32 15.06 22.70
N PHE B 381 24.31 15.04 21.82
CA PHE B 381 24.97 16.30 21.49
C PHE B 381 24.44 17.04 20.28
N ILE B 382 23.86 16.35 19.30
CA ILE B 382 23.43 17.03 18.10
C ILE B 382 21.96 16.88 17.75
N GLU B 383 21.39 15.71 17.97
CA GLU B 383 20.01 15.45 17.51
C GLU B 383 18.94 16.38 18.03
N ASN B 384 19.25 17.17 19.04
CA ASN B 384 18.27 18.15 19.52
C ASN B 384 18.81 19.55 19.36
N LYS B 385 19.70 19.75 18.40
CA LYS B 385 20.29 21.07 18.17
C LYS B 385 19.27 22.11 17.78
N TYR B 386 18.33 21.74 16.94
CA TYR B 386 17.32 22.67 16.48
C TYR B 386 15.97 22.08 16.70
N ASN B 387 14.99 22.90 17.04
CA ASN B 387 13.64 22.41 17.19
C ASN B 387 12.68 23.39 16.54
N ASP B 388 13.19 24.52 16.08
CA ASP B 388 12.36 25.50 15.42
C ASP B 388 12.19 25.17 13.96
N LYS B 389 13.03 24.27 13.46
CA LYS B 389 12.97 23.88 12.06
C LYS B 389 13.63 22.54 11.84
N PRO B 390 13.19 21.81 10.83
CA PRO B 390 13.92 20.57 10.54
C PRO B 390 15.36 20.86 10.13
N PHE B 391 16.21 19.86 10.33
CA PHE B 391 17.60 19.99 9.92
C PHE B 391 18.17 18.60 9.63
N PHE B 392 19.25 18.58 8.86
CA PHE B 392 19.93 17.37 8.45
C PHE B 392 21.21 17.19 9.25
N ILE B 393 21.45 15.96 9.70
CA ILE B 393 22.78 15.54 10.15
C ILE B 393 23.41 14.76 8.99
N VAL B 394 24.61 15.17 8.58
CA VAL B 394 25.14 14.69 7.31
C VAL B 394 26.56 14.16 7.49
N GLU B 395 27.02 13.43 6.46
CA GLU B 395 28.41 13.03 6.31
C GLU B 395 28.84 12.05 7.41
N HIS B 396 27.96 11.13 7.74
CA HIS B 396 28.25 10.12 8.74
C HIS B 396 29.43 9.26 8.30
N PRO B 397 30.28 8.83 9.23
CA PRO B 397 31.42 7.98 8.87
C PRO B 397 31.00 6.68 8.20
N GLN B 398 31.93 6.12 7.42
CA GLN B 398 31.69 4.87 6.71
C GLN B 398 31.43 3.70 7.66
N ILE B 399 31.90 3.78 8.91
CA ILE B 399 31.68 2.69 9.85
C ILE B 399 30.25 2.66 10.39
N MET B 400 29.51 3.76 10.32
CA MET B 400 28.08 3.72 10.62
C MET B 400 27.22 3.49 9.39
N SER B 401 27.82 3.41 8.20
CA SER B 401 27.06 3.45 6.95
C SER B 401 27.75 2.52 5.94
N PRO B 402 27.66 1.21 6.15
CA PRO B 402 28.43 0.29 5.31
C PRO B 402 27.97 0.25 3.85
N LEU B 403 26.77 0.75 3.54
CA LEU B 403 26.26 0.72 2.19
C LEU B 403 26.43 2.05 1.46
N ALA B 404 27.02 3.04 2.11
CA ALA B 404 27.05 4.40 1.60
C ALA B 404 28.35 4.68 0.85
N LYS B 405 28.23 5.41 -0.25
CA LYS B 405 29.40 5.73 -1.05
C LYS B 405 30.33 6.67 -0.27
N TYR B 406 31.64 6.49 -0.46
CA TYR B 406 32.60 7.24 0.35
C TYR B 406 32.60 8.71 -0.04
N HIS B 407 32.74 9.57 0.96
CA HIS B 407 32.73 11.02 0.73
C HIS B 407 33.84 11.40 -0.25
N ARG B 408 33.57 12.39 -1.09
CA ARG B 408 34.49 12.65 -2.18
C ARG B 408 35.77 13.35 -1.72
N THR B 409 35.68 14.19 -0.67
CA THR B 409 36.83 14.98 -0.23
C THR B 409 37.20 14.82 1.24
N LYS B 410 36.40 14.15 2.05
CA LYS B 410 36.72 14.01 3.47
C LYS B 410 36.94 12.54 3.82
N PRO B 411 38.02 12.21 4.53
CA PRO B 411 38.37 10.79 4.70
C PRO B 411 37.59 10.14 5.83
N GLY B 412 37.16 8.91 5.56
CA GLY B 412 36.38 8.14 6.52
C GLY B 412 34.91 8.46 6.55
N LEU B 413 34.43 9.37 5.71
CA LEU B 413 33.06 9.82 5.76
C LEU B 413 32.30 9.36 4.52
N THR B 414 30.98 9.53 4.57
CA THR B 414 30.09 9.19 3.47
C THR B 414 29.30 10.42 3.07
N GLU B 415 28.49 10.24 2.02
CA GLU B 415 27.53 11.24 1.54
C GLU B 415 26.14 10.98 2.11
N ARG B 416 26.05 10.82 3.43
CA ARG B 416 24.81 10.40 4.07
C ARG B 416 24.08 11.60 4.65
N LEU B 417 22.74 11.53 4.66
CA LEU B 417 21.95 12.58 5.26
C LEU B 417 20.81 11.96 6.07
N GLU B 418 20.47 12.61 7.18
CA GLU B 418 19.37 12.18 8.04
C GLU B 418 18.64 13.42 8.51
N MET B 419 17.34 13.49 8.24
CA MET B 419 16.55 14.65 8.64
C MET B 419 15.86 14.39 9.96
N PHE B 420 15.89 15.40 10.82
CA PHE B 420 15.32 15.32 12.15
C PHE B 420 14.25 16.38 12.32
N ILE B 421 13.21 16.03 13.07
CA ILE B 421 12.18 16.98 13.49
C ILE B 421 12.01 16.78 15.00
N CYS B 422 12.22 17.86 15.75
CA CYS B 422 12.07 17.85 17.21
C CYS B 422 12.85 16.71 17.85
N GLY B 423 14.08 16.51 17.39
CA GLY B 423 14.94 15.48 17.94
C GLY B 423 14.66 14.06 17.51
N LYS B 424 13.78 13.84 16.53
CA LYS B 424 13.41 12.49 16.12
C LYS B 424 13.74 12.28 14.64
N GLU B 425 14.37 11.14 14.35
CA GLU B 425 14.71 10.83 12.97
C GLU B 425 13.45 10.58 12.15
N VAL B 426 13.44 11.14 10.95
CA VAL B 426 12.28 11.06 10.08
C VAL B 426 12.62 10.62 8.67
N LEU B 427 13.89 10.66 8.28
CA LEU B 427 14.32 10.46 6.91
C LEU B 427 15.80 10.05 6.91
N ASN B 428 16.15 9.09 6.07
CA ASN B 428 17.52 8.63 5.92
C ASN B 428 17.80 8.45 4.44
N ALA B 429 18.98 8.88 4.00
CA ALA B 429 19.31 8.82 2.57
C ALA B 429 20.81 8.85 2.38
N TYR B 430 21.29 8.17 1.34
CA TYR B 430 22.69 8.25 0.96
C TYR B 430 22.88 7.77 -0.48
N THR B 431 24.04 8.10 -1.03
CA THR B 431 24.42 7.56 -2.33
C THR B 431 25.04 6.18 -2.13
N GLU B 432 24.65 5.23 -2.97
CA GLU B 432 25.01 3.84 -2.73
C GLU B 432 26.45 3.54 -3.16
N LEU B 433 27.11 2.71 -2.38
CA LEU B 433 28.39 2.13 -2.79
C LEU B 433 28.14 1.11 -3.88
N ASN B 434 28.55 1.42 -5.11
CA ASN B 434 28.25 0.54 -6.23
C ASN B 434 29.45 -0.22 -6.77
N ASP B 435 30.68 0.08 -6.31
CA ASP B 435 31.87 -0.70 -6.66
C ASP B 435 31.86 -1.99 -5.85
N PRO B 436 31.59 -3.14 -6.48
CA PRO B 436 31.56 -4.40 -5.71
C PRO B 436 32.90 -4.75 -5.08
N PHE B 437 34.00 -4.20 -5.59
CA PHE B 437 35.31 -4.45 -5.01
C PHE B 437 35.58 -3.57 -3.79
N LYS B 438 34.72 -2.60 -3.48
CA LYS B 438 34.88 -1.75 -2.31
C LYS B 438 33.78 -1.95 -1.27
N GLN B 439 32.79 -2.79 -1.56
CA GLN B 439 31.76 -3.13 -0.57
C GLN B 439 32.36 -4.21 0.28
N LYS B 440 32.36 -4.02 1.59
CA LYS B 440 33.05 -4.96 2.47
C LYS B 440 32.35 -6.32 2.51
N GLU B 441 31.01 -6.33 2.53
CA GLU B 441 30.28 -7.59 2.71
C GLU B 441 30.54 -8.55 1.54
N CYS B 442 30.70 -8.02 0.34
CA CYS B 442 30.90 -8.84 -0.86
C CYS B 442 32.39 -9.12 -1.05
N PHE B 443 32.88 -10.12 -0.33
CA PHE B 443 34.28 -10.50 -0.42
C PHE B 443 34.50 -11.97 -0.06
N ASP B 461 21.11 -11.43 0.36
CA ASP B 461 22.24 -10.51 0.46
C ASP B 461 23.36 -10.92 -0.49
N SER B 462 23.68 -12.21 -0.52
CA SER B 462 24.61 -12.71 -1.52
C SER B 462 24.09 -12.44 -2.93
N ALA B 463 22.76 -12.37 -3.07
CA ALA B 463 22.16 -11.95 -4.32
C ALA B 463 22.50 -10.49 -4.62
N PHE B 464 22.65 -9.65 -3.60
CA PHE B 464 23.00 -8.25 -3.83
C PHE B 464 24.36 -8.13 -4.48
N CYS B 465 25.35 -8.85 -3.93
CA CYS B 465 26.69 -8.81 -4.49
C CYS B 465 26.71 -9.32 -5.92
N THR B 466 25.95 -10.39 -6.20
CA THR B 466 25.82 -10.86 -7.56
C THR B 466 25.17 -9.82 -8.45
N SER B 467 24.13 -9.14 -7.94
CA SER B 467 23.50 -8.07 -8.72
C SER B 467 24.47 -6.92 -8.96
N LEU B 468 25.36 -6.63 -8.01
CA LEU B 468 26.33 -5.58 -8.24
C LEU B 468 27.24 -5.91 -9.42
N GLU B 469 27.54 -7.19 -9.62
CA GLU B 469 28.44 -7.61 -10.69
C GLU B 469 27.83 -7.44 -12.07
N TYR B 470 26.53 -7.20 -12.17
CA TYR B 470 25.90 -6.92 -13.45
C TYR B 470 25.82 -5.42 -13.74
N GLY B 471 26.29 -4.60 -12.80
CA GLY B 471 26.34 -3.16 -13.01
C GLY B 471 25.19 -2.42 -12.38
N LEU B 472 25.40 -1.88 -11.19
CA LEU B 472 24.46 -0.92 -10.62
C LEU B 472 24.97 0.48 -10.90
N PRO B 473 24.16 1.38 -11.45
CA PRO B 473 24.62 2.73 -11.73
C PRO B 473 24.86 3.49 -10.44
N PRO B 474 25.58 4.61 -10.49
CA PRO B 474 25.57 5.53 -9.35
C PRO B 474 24.12 5.86 -9.02
N THR B 475 23.80 5.83 -7.72
CA THR B 475 22.41 5.74 -7.30
C THR B 475 22.23 6.38 -5.93
N GLY B 476 21.11 7.07 -5.75
CA GLY B 476 20.73 7.62 -4.45
C GLY B 476 19.47 6.93 -3.92
N GLY B 477 19.47 6.66 -2.62
CA GLY B 477 18.33 6.03 -1.98
C GLY B 477 17.89 6.83 -0.78
N LEU B 478 16.59 6.74 -0.47
CA LEU B 478 16.00 7.51 0.61
C LEU B 478 14.87 6.72 1.26
N GLY B 479 14.80 6.79 2.58
CA GLY B 479 13.69 6.20 3.31
C GLY B 479 13.03 7.20 4.23
N LEU B 480 11.70 7.09 4.32
CA LEU B 480 10.87 7.98 5.13
C LEU B 480 10.13 7.20 6.20
N GLY B 481 10.05 7.76 7.40
CA GLY B 481 9.20 7.21 8.44
C GLY B 481 7.80 7.83 8.43
N ILE B 482 6.86 7.15 7.78
CA ILE B 482 5.51 7.70 7.58
C ILE B 482 4.81 7.95 8.90
N ASP B 483 4.93 7.02 9.85
CA ASP B 483 4.24 7.16 11.12
C ASP B 483 4.73 8.38 11.89
N ARG B 484 6.05 8.61 11.90
CA ARG B 484 6.57 9.75 12.64
C ARG B 484 6.18 11.06 11.97
N ILE B 485 6.18 11.10 10.64
CA ILE B 485 5.80 12.32 9.94
C ILE B 485 4.34 12.66 10.24
N THR B 486 3.46 11.66 10.18
CA THR B 486 2.06 11.86 10.51
C THR B 486 1.91 12.35 11.95
N MET B 487 2.75 11.83 12.84
CA MET B 487 2.74 12.25 14.23
C MET B 487 2.90 13.76 14.35
N PHE B 488 3.93 14.31 13.71
CA PHE B 488 4.19 15.75 13.81
C PHE B 488 3.13 16.57 13.08
N LEU B 489 2.62 16.04 11.97
CA LEU B 489 1.67 16.83 11.20
C LEU B 489 0.25 16.76 11.78
N THR B 490 0.01 15.88 12.76
CA THR B 490 -1.28 15.80 13.42
C THR B 490 -1.18 16.13 14.90
N ASN B 491 -0.02 16.61 15.36
CA ASN B 491 0.18 17.06 16.74
C ASN B 491 -0.11 15.95 17.75
N LYS B 492 0.56 14.82 17.57
CA LYS B 492 0.46 13.70 18.50
C LYS B 492 1.83 13.39 19.08
N ASN B 493 1.84 12.91 20.32
CA ASN B 493 3.09 12.58 21.00
C ASN B 493 3.44 11.09 20.94
N SER B 494 2.56 10.26 20.40
CA SER B 494 2.74 8.82 20.44
C SER B 494 2.41 8.22 19.09
N ILE B 495 3.21 7.23 18.67
CA ILE B 495 2.99 6.53 17.42
C ILE B 495 1.65 5.79 17.44
N LYS B 496 1.18 5.41 18.64
CA LYS B 496 -0.09 4.69 18.74
C LYS B 496 -1.29 5.57 18.37
N ASP B 497 -1.14 6.90 18.43
CA ASP B 497 -2.26 7.78 18.11
C ASP B 497 -2.42 8.01 16.61
N VAL B 498 -1.54 7.48 15.77
CA VAL B 498 -1.69 7.63 14.33
C VAL B 498 -1.80 6.28 13.63
N ILE B 499 -1.86 5.18 14.37
CA ILE B 499 -2.12 3.85 13.84
C ILE B 499 -3.53 3.46 14.26
N LEU B 500 -4.36 3.09 13.29
CA LEU B 500 -5.76 2.81 13.59
C LEU B 500 -5.90 1.73 14.67
N PHE B 501 -5.25 0.60 14.49
CA PHE B 501 -5.35 -0.52 15.42
C PHE B 501 -3.96 -0.90 15.89
N PRO B 502 -3.39 -0.14 16.83
CA PRO B 502 -2.07 -0.49 17.36
C PRO B 502 -2.11 -1.81 18.10
N THR B 503 -1.20 -2.72 17.75
CA THR B 503 -1.22 -4.07 18.28
C THR B 503 -0.93 -4.05 19.78
N MET B 504 -1.73 -4.77 20.56
CA MET B 504 -1.62 -4.78 22.01
C MET B 504 -1.89 -6.17 22.56
N ARG B 505 -1.56 -6.36 23.83
CA ARG B 505 -1.82 -7.62 24.51
C ARG B 505 -3.26 -7.65 25.02
N PRO B 506 -4.00 -8.75 24.83
CA PRO B 506 -5.42 -8.83 25.18
C PRO B 506 -5.68 -8.69 26.69
#